data_4QHU
#
_entry.id   4QHU
#
_cell.length_a   73.210
_cell.length_b   64.000
_cell.length_c   145.600
_cell.angle_alpha   90.00
_cell.angle_beta   95.64
_cell.angle_gamma   90.00
#
_symmetry.space_group_name_H-M   'P 1 21 1'
#
loop_
_entity.id
_entity.type
_entity.pdbx_description
1 polymer 'Fab6785 light chain'
2 polymer 'Fab6785 heavy chain'
3 polymer Interleukin-17A
4 non-polymer GLYCEROL
5 non-polymer 'CHLORIDE ION'
6 non-polymer 'SULFATE ION'
7 water water
#
loop_
_entity_poly.entity_id
_entity_poly.type
_entity_poly.pdbx_seq_one_letter_code
_entity_poly.pdbx_strand_id
1 'polypeptide(L)'
;QSVLTQPPSVSVAPGQTARISCSGDNLGDKYANWYQQKPGQAPVLVIYDDIDRPSGIPERFSGSNSGNTATLTISGTQAE
DEADYYCGSYDFFLGMIVFGGGTKLTVLGQPKAAPSVTLFPPSSEELQANKATLVCLISDFYPGAVTVAWKADSSPVKAG
VETTTPSKQSNNKYAASSYLSLTPEQWKSHRSYSCQVTHEGSTVEKTVAPTECS
;
L,A
2 'polypeptide(L)'
;QVQLLESGGGLVQPGGSLRLSCAASGFTFSSYAMSWVRQAPGKGLEWVSTISLTSGFTYYADSVKGRFTISRDNSKNTLY
LQMNSLRAEDTAVYYCARQLTLDVWGQGTLVTVSSASTKGPSVFPLAPSSKSTSGGTAALGCLVKDYFPEPVTVSWNSGA
LTSGVHTFPAVLQSSGLYSLSSVVTVPSSSLGTQTYICNVNHKPSNTKVDKKVEPKSCHHHHHH
;
H,B
3 'polypeptide(L)'
;GITIPRNPGCPNSEDKNFPRTVMVNLNIHNRNTNTNPKRSSDYYNRSTSPWNLHRNEDPERYPSVIWEAQCRHLGCINAD
GNVDYHMNSVPIQQEILVLRREPPHCPNSFRLEKILVSVGCTCVTPIVHHVQ
;
C,D
#
loop_
_chem_comp.id
_chem_comp.type
_chem_comp.name
_chem_comp.formula
CL non-polymer 'CHLORIDE ION' 'Cl -1'
GOL non-polymer GLYCEROL 'C3 H8 O3'
SO4 non-polymer 'SULFATE ION' 'O4 S -2'
#
# COMPACT_ATOMS: atom_id res chain seq x y z
N VAL A 3 14.96 -11.95 14.67
CA VAL A 3 15.05 -12.89 15.78
C VAL A 3 13.73 -13.65 15.98
N LEU A 4 13.65 -14.85 15.42
CA LEU A 4 12.45 -15.67 15.57
C LEU A 4 12.62 -16.65 16.73
N THR A 5 11.58 -16.76 17.56
CA THR A 5 11.67 -17.61 18.74
C THR A 5 10.76 -18.84 18.67
N GLN A 6 11.37 -20.01 18.78
CA GLN A 6 10.65 -21.28 18.83
C GLN A 6 10.92 -21.97 20.17
N PRO A 7 9.94 -22.77 20.65
CA PRO A 7 10.24 -23.62 21.80
C PRO A 7 11.27 -24.68 21.42
N PRO A 8 12.26 -24.92 22.29
CA PRO A 8 13.31 -25.90 22.02
C PRO A 8 12.76 -27.32 21.82
N SER A 9 11.68 -27.64 22.52
CA SER A 9 11.16 -29.00 22.55
C SER A 9 9.64 -29.04 22.60
N VAL A 10 9.06 -29.98 21.86
CA VAL A 10 7.63 -30.25 21.93
C VAL A 10 7.40 -31.76 21.91
N SER A 11 6.56 -32.24 22.83
CA SER A 11 6.21 -33.66 22.87
C SER A 11 4.72 -33.85 22.61
N VAL A 12 4.37 -34.95 21.96
CA VAL A 12 2.99 -35.22 21.64
C VAL A 12 2.72 -36.72 21.63
N ALA A 13 1.50 -37.11 22.00
CA ALA A 13 1.08 -38.50 21.97
C ALA A 13 0.71 -38.90 20.55
N PRO A 14 0.87 -40.19 20.22
CA PRO A 14 0.50 -40.70 18.89
C PRO A 14 -0.95 -40.41 18.55
N GLY A 15 -1.20 -39.91 17.34
CA GLY A 15 -2.55 -39.62 16.89
C GLY A 15 -3.09 -38.30 17.42
N GLN A 16 -2.31 -37.62 18.26
CA GLN A 16 -2.71 -36.35 18.83
C GLN A 16 -2.15 -35.18 18.02
N THR A 17 -2.58 -33.97 18.36
CA THR A 17 -2.20 -32.77 17.62
C THR A 17 -0.94 -32.11 18.19
N ALA A 18 0.02 -31.84 17.32
CA ALA A 18 1.25 -31.16 17.71
C ALA A 18 1.23 -29.71 17.22
N ARG A 19 1.62 -28.79 18.07
CA ARG A 19 1.67 -27.38 17.71
C ARG A 19 3.04 -26.79 18.01
N ILE A 20 3.62 -26.14 17.01
CA ILE A 20 4.92 -25.52 17.16
C ILE A 20 4.83 -24.05 16.75
N SER A 21 5.07 -23.17 17.71
CA SER A 21 4.90 -21.74 17.50
C SER A 21 6.20 -21.07 17.09
N CYS A 22 6.05 -19.90 16.47
CA CYS A 22 7.19 -19.12 16.01
C CYS A 22 6.81 -17.64 16.08
N SER A 23 7.47 -16.90 16.96
CA SER A 23 7.13 -15.50 17.17
C SER A 23 8.33 -14.59 17.01
N GLY A 24 8.07 -13.38 16.52
CA GLY A 24 9.12 -12.39 16.34
C GLY A 24 8.50 -11.08 15.91
N ASP A 25 9.22 -9.99 16.11
CA ASP A 25 8.74 -8.68 15.72
C ASP A 25 8.53 -8.59 14.21
N ASN A 26 7.46 -7.91 13.81
CA ASN A 26 7.15 -7.66 12.40
C ASN A 26 6.91 -8.93 11.58
N LEU A 27 6.67 -10.05 12.25
CA LEU A 27 6.45 -11.31 11.54
C LEU A 27 5.08 -11.30 10.83
N GLY A 28 4.16 -10.49 11.34
CA GLY A 28 2.84 -10.39 10.77
C GLY A 28 2.74 -9.70 9.42
N ASP A 29 3.80 -9.02 9.00
CA ASP A 29 3.77 -8.33 7.70
C ASP A 29 4.54 -9.09 6.62
N LYS A 30 4.87 -10.35 6.89
CA LYS A 30 5.54 -11.18 5.89
C LYS A 30 5.21 -12.65 6.10
N TYR A 31 5.25 -13.41 5.01
CA TYR A 31 4.92 -14.83 5.06
C TYR A 31 5.96 -15.62 5.87
N ALA A 32 5.51 -16.66 6.54
CA ALA A 32 6.41 -17.56 7.24
C ALA A 32 6.46 -18.90 6.51
N ASN A 33 7.62 -19.54 6.56
CA ASN A 33 7.77 -20.89 6.02
C ASN A 33 8.18 -21.86 7.14
N TRP A 34 7.98 -23.15 6.89
CA TRP A 34 8.31 -24.17 7.87
C TRP A 34 9.12 -25.30 7.22
N TYR A 35 10.16 -25.74 7.90
CA TYR A 35 11.03 -26.78 7.37
C TYR A 35 11.16 -27.95 8.34
N GLN A 36 11.14 -29.15 7.79
CA GLN A 36 11.34 -30.37 8.57
C GLN A 36 12.70 -30.98 8.25
N GLN A 37 13.49 -31.26 9.28
CA GLN A 37 14.79 -31.87 9.06
C GLN A 37 14.99 -33.13 9.88
N LYS A 38 15.18 -34.24 9.18
CA LYS A 38 15.45 -35.52 9.84
C LYS A 38 16.96 -35.74 9.90
N PRO A 39 17.42 -36.60 10.82
CA PRO A 39 18.87 -36.80 11.02
C PRO A 39 19.61 -37.16 9.73
N GLY A 40 20.70 -36.46 9.47
CA GLY A 40 21.54 -36.74 8.30
C GLY A 40 20.90 -36.35 6.98
N GLN A 41 19.85 -35.54 7.03
CA GLN A 41 19.17 -35.10 5.81
C GLN A 41 19.11 -33.59 5.72
N ALA A 42 19.00 -33.08 4.49
CA ALA A 42 18.74 -31.67 4.27
C ALA A 42 17.32 -31.35 4.70
N PRO A 43 17.07 -30.10 5.11
CA PRO A 43 15.73 -29.68 5.49
C PRO A 43 14.73 -29.84 4.35
N VAL A 44 13.46 -30.02 4.69
CA VAL A 44 12.41 -30.14 3.69
C VAL A 44 11.29 -29.14 3.97
N LEU A 45 10.94 -28.34 2.96
CA LEU A 45 9.84 -27.39 3.09
C LEU A 45 8.51 -28.12 3.26
N VAL A 46 7.79 -27.83 4.35
CA VAL A 46 6.50 -28.49 4.59
C VAL A 46 5.34 -27.51 4.54
N ILE A 47 5.60 -26.24 4.86
CA ILE A 47 4.61 -25.17 4.75
C ILE A 47 5.30 -23.89 4.25
N TYR A 48 4.69 -23.22 3.27
CA TYR A 48 5.21 -21.94 2.81
C TYR A 48 4.07 -20.92 2.68
N ASP A 49 4.44 -19.63 2.60
CA ASP A 49 3.48 -18.54 2.52
C ASP A 49 2.39 -18.67 3.58
N ASP A 50 2.83 -18.91 4.83
CA ASP A 50 1.95 -19.05 6.00
C ASP A 50 1.12 -20.34 6.02
N ILE A 51 0.40 -20.63 4.93
CA ILE A 51 -0.62 -21.69 4.99
C ILE A 51 -0.57 -22.74 3.88
N ASP A 52 0.37 -22.60 2.95
CA ASP A 52 0.37 -23.46 1.77
C ASP A 52 1.25 -24.70 1.92
N ARG A 53 0.73 -25.82 1.41
CA ARG A 53 1.46 -27.09 1.43
C ARG A 53 2.06 -27.39 0.06
N PRO A 54 3.37 -27.66 0.02
CA PRO A 54 3.97 -28.16 -1.21
C PRO A 54 3.36 -29.50 -1.60
N SER A 55 3.32 -29.80 -2.89
CA SER A 55 2.83 -31.08 -3.35
C SER A 55 3.69 -32.20 -2.76
N GLY A 56 3.05 -33.16 -2.11
CA GLY A 56 3.76 -34.29 -1.54
C GLY A 56 3.80 -34.26 -0.01
N ILE A 57 3.40 -33.14 0.57
CA ILE A 57 3.32 -33.03 2.02
C ILE A 57 1.92 -33.44 2.49
N PRO A 58 1.85 -34.37 3.45
CA PRO A 58 0.58 -34.87 4.00
C PRO A 58 -0.34 -33.75 4.50
N GLU A 59 -1.64 -33.93 4.31
CA GLU A 59 -2.63 -32.92 4.69
C GLU A 59 -2.63 -32.63 6.18
N ARG A 60 -2.01 -33.50 6.97
CA ARG A 60 -2.04 -33.34 8.42
C ARG A 60 -1.15 -32.18 8.87
N PHE A 61 -0.26 -31.75 7.99
CA PHE A 61 0.53 -30.56 8.22
C PHE A 61 -0.25 -29.32 7.82
N SER A 62 -0.41 -28.38 8.75
CA SER A 62 -1.09 -27.14 8.46
C SER A 62 -0.37 -25.96 9.10
N GLY A 63 -0.50 -24.79 8.49
CA GLY A 63 0.13 -23.60 9.00
C GLY A 63 -0.88 -22.51 9.25
N SER A 64 -0.58 -21.64 10.19
CA SER A 64 -1.44 -20.50 10.49
C SER A 64 -0.60 -19.38 11.06
N ASN A 65 -1.18 -18.18 11.08
CA ASN A 65 -0.50 -17.02 11.64
C ASN A 65 -1.46 -16.13 12.41
N SER A 66 -1.00 -15.61 13.54
CA SER A 66 -1.81 -14.71 14.37
C SER A 66 -0.93 -13.63 14.98
N GLY A 67 -1.18 -12.38 14.60
CA GLY A 67 -0.39 -11.27 15.09
C GLY A 67 1.04 -11.41 14.61
N ASN A 68 1.98 -11.52 15.54
CA ASN A 68 3.37 -11.75 15.19
C ASN A 68 3.81 -13.17 15.53
N THR A 69 2.88 -14.12 15.39
CA THR A 69 3.15 -15.50 15.71
C THR A 69 2.68 -16.43 14.59
N ALA A 70 3.59 -17.27 14.10
CA ALA A 70 3.23 -18.30 13.13
C ALA A 70 3.21 -19.65 13.84
N THR A 71 2.30 -20.54 13.41
CA THR A 71 2.17 -21.82 14.07
C THR A 71 2.11 -22.97 13.08
N LEU A 72 2.94 -23.98 13.32
CA LEU A 72 2.87 -25.23 12.56
C LEU A 72 2.02 -26.23 13.33
N THR A 73 1.00 -26.76 12.68
CA THR A 73 0.12 -27.71 13.35
C THR A 73 0.10 -29.07 12.65
N ILE A 74 0.33 -30.12 13.42
CA ILE A 74 0.29 -31.47 12.88
C ILE A 74 -0.81 -32.29 13.55
N SER A 75 -1.89 -32.53 12.81
CA SER A 75 -2.99 -33.33 13.32
C SER A 75 -2.67 -34.82 13.17
N GLY A 76 -3.10 -35.61 14.14
CA GLY A 76 -2.86 -37.05 14.13
C GLY A 76 -1.39 -37.37 13.92
N THR A 77 -0.54 -36.85 14.80
CA THR A 77 0.90 -36.94 14.65
C THR A 77 1.38 -38.39 14.59
N GLN A 78 2.23 -38.68 13.62
CA GLN A 78 2.80 -40.02 13.43
C GLN A 78 4.22 -40.08 13.97
N ALA A 79 4.72 -41.28 14.20
CA ALA A 79 6.09 -41.46 14.68
C ALA A 79 7.10 -40.96 13.65
N GLU A 80 6.74 -41.02 12.38
CA GLU A 80 7.61 -40.57 11.30
C GLU A 80 7.68 -39.05 11.23
N ASP A 81 6.90 -38.37 12.07
CA ASP A 81 6.92 -36.91 12.09
C ASP A 81 8.01 -36.39 13.03
N GLU A 82 8.63 -37.29 13.78
CA GLU A 82 9.73 -36.93 14.66
C GLU A 82 10.88 -36.31 13.85
N ALA A 83 11.18 -35.05 14.13
CA ALA A 83 12.24 -34.34 13.46
C ALA A 83 12.48 -32.99 14.12
N ASP A 84 13.40 -32.23 13.57
CA ASP A 84 13.58 -30.84 13.97
C ASP A 84 12.79 -29.95 13.01
N TYR A 85 12.06 -28.99 13.56
CA TYR A 85 11.26 -28.08 12.76
C TYR A 85 11.74 -26.64 12.89
N TYR A 86 12.01 -26.00 11.75
CA TYR A 86 12.44 -24.61 11.73
C TYR A 86 11.44 -23.72 11.01
N CYS A 87 11.13 -22.57 11.60
CA CYS A 87 10.39 -21.55 10.87
C CYS A 87 11.39 -20.59 10.22
N GLY A 88 11.01 -20.04 9.08
CA GLY A 88 11.87 -19.13 8.36
C GLY A 88 11.06 -18.07 7.63
N SER A 89 11.66 -16.89 7.43
CA SER A 89 10.98 -15.82 6.75
C SER A 89 11.97 -14.86 6.10
N TYR A 90 11.56 -14.21 5.02
CA TYR A 90 12.39 -13.25 4.33
C TYR A 90 11.95 -11.83 4.64
N ASP A 91 12.89 -11.01 5.10
CA ASP A 91 12.61 -9.62 5.43
C ASP A 91 13.12 -8.69 4.33
N PHE A 92 12.19 -8.14 3.56
CA PHE A 92 12.51 -7.21 2.49
C PHE A 92 13.31 -5.99 2.95
N PHE A 93 12.92 -5.42 4.09
CA PHE A 93 13.54 -4.16 4.53
C PHE A 93 14.98 -4.36 5.00
N LEU A 94 15.23 -5.44 5.73
CA LEU A 94 16.59 -5.80 6.13
C LEU A 94 17.34 -6.52 5.01
N GLY A 95 16.61 -7.06 4.04
CA GLY A 95 17.20 -7.85 2.98
C GLY A 95 17.87 -9.10 3.52
N MET A 96 17.15 -9.81 4.39
CA MET A 96 17.69 -11.03 5.00
C MET A 96 16.64 -12.12 5.12
N ILE A 97 17.11 -13.36 5.15
CA ILE A 97 16.30 -14.48 5.57
C ILE A 97 16.63 -14.80 7.02
N VAL A 98 15.61 -14.93 7.86
CA VAL A 98 15.81 -15.27 9.26
C VAL A 98 15.18 -16.61 9.61
N PHE A 99 15.88 -17.40 10.42
CA PHE A 99 15.38 -18.67 10.92
C PHE A 99 15.07 -18.59 12.41
N GLY A 100 14.17 -19.46 12.87
CA GLY A 100 13.98 -19.66 14.29
C GLY A 100 15.06 -20.60 14.79
N GLY A 101 15.14 -20.80 16.10
CA GLY A 101 16.15 -21.66 16.69
C GLY A 101 15.90 -23.13 16.44
N GLY A 102 14.66 -23.47 16.06
CA GLY A 102 14.30 -24.84 15.78
C GLY A 102 13.59 -25.51 16.93
N THR A 103 12.78 -26.52 16.62
CA THR A 103 12.05 -27.27 17.62
C THR A 103 12.15 -28.76 17.37
N LYS A 104 12.65 -29.50 18.36
CA LYS A 104 12.69 -30.95 18.25
C LYS A 104 11.34 -31.54 18.66
N LEU A 105 10.71 -32.26 17.74
CA LEU A 105 9.41 -32.88 18.01
C LEU A 105 9.59 -34.33 18.44
N THR A 106 9.03 -34.67 19.61
CA THR A 106 9.10 -36.02 20.12
C THR A 106 7.71 -36.65 20.16
N VAL A 107 7.59 -37.84 19.56
CA VAL A 107 6.36 -38.61 19.62
C VAL A 107 6.45 -39.66 20.72
N LEU A 108 5.60 -39.52 21.74
CA LEU A 108 5.64 -40.38 22.90
C LEU A 108 5.13 -41.79 22.62
N GLY A 109 5.34 -42.70 23.56
CA GLY A 109 4.74 -44.02 23.52
C GLY A 109 5.34 -45.01 22.54
N GLN A 110 6.53 -44.71 22.04
CA GLN A 110 7.20 -45.63 21.12
C GLN A 110 7.81 -46.80 21.90
N PRO A 111 7.73 -48.01 21.32
CA PRO A 111 8.16 -49.25 22.00
C PRO A 111 9.63 -49.25 22.37
N LYS A 112 9.95 -49.74 23.56
CA LYS A 112 11.33 -49.89 23.96
C LYS A 112 12.00 -50.98 23.13
N ALA A 113 13.23 -50.73 22.72
CA ALA A 113 13.99 -51.71 21.95
C ALA A 113 15.38 -51.90 22.54
N ALA A 114 15.72 -53.14 22.86
CA ALA A 114 17.04 -53.46 23.39
C ALA A 114 18.09 -53.33 22.29
N PRO A 115 19.31 -52.90 22.66
CA PRO A 115 20.38 -52.74 21.68
C PRO A 115 20.95 -54.07 21.20
N SER A 116 21.28 -54.13 19.91
CA SER A 116 22.04 -55.25 19.36
C SER A 116 23.52 -54.90 19.41
N VAL A 117 24.32 -55.79 19.98
CA VAL A 117 25.73 -55.49 20.18
C VAL A 117 26.62 -56.44 19.40
N THR A 118 27.58 -55.87 18.67
CA THR A 118 28.58 -56.65 17.97
C THR A 118 29.96 -56.16 18.39
N LEU A 119 30.82 -57.09 18.83
CA LEU A 119 32.15 -56.73 19.30
C LEU A 119 33.23 -57.39 18.44
N PHE A 120 34.14 -56.57 17.93
CA PHE A 120 35.27 -57.07 17.14
C PHE A 120 36.58 -56.95 17.93
N PRO A 121 37.42 -57.99 17.85
CA PRO A 121 38.76 -57.97 18.43
C PRO A 121 39.71 -57.17 17.54
N PRO A 122 40.93 -56.86 18.02
CA PRO A 122 41.90 -56.21 17.14
C PRO A 122 42.22 -57.09 15.94
N SER A 123 42.33 -56.49 14.76
CA SER A 123 42.68 -57.24 13.55
C SER A 123 44.15 -57.64 13.59
N SER A 124 44.50 -58.66 12.81
CA SER A 124 45.89 -59.10 12.71
C SER A 124 46.75 -57.97 12.16
N GLU A 125 46.22 -57.26 11.17
CA GLU A 125 46.92 -56.14 10.55
C GLU A 125 47.28 -55.05 11.55
N GLU A 126 46.32 -54.68 12.39
CA GLU A 126 46.56 -53.63 13.37
C GLU A 126 47.57 -54.09 14.42
N LEU A 127 47.48 -55.37 14.79
CA LEU A 127 48.43 -55.94 15.73
C LEU A 127 49.84 -55.95 15.15
N GLN A 128 49.95 -56.21 13.84
CA GLN A 128 51.23 -56.14 13.15
C GLN A 128 51.77 -54.72 13.17
N ALA A 129 50.88 -53.74 13.25
CA ALA A 129 51.26 -52.34 13.28
C ALA A 129 51.47 -51.85 14.71
N ASN A 130 51.62 -52.80 15.63
CA ASN A 130 51.88 -52.50 17.05
C ASN A 130 50.77 -51.67 17.68
N LYS A 131 49.54 -51.88 17.24
CA LYS A 131 48.38 -51.20 17.81
C LYS A 131 47.27 -52.21 18.08
N ALA A 132 46.31 -51.81 18.92
CA ALA A 132 45.17 -52.68 19.23
C ALA A 132 43.91 -51.87 19.51
N THR A 133 42.88 -52.11 18.72
CA THR A 133 41.59 -51.44 18.87
C THR A 133 40.44 -52.43 18.88
N LEU A 134 39.66 -52.42 19.97
CA LEU A 134 38.43 -53.21 20.02
C LEU A 134 37.24 -52.35 19.61
N VAL A 135 36.38 -52.91 18.77
CA VAL A 135 35.25 -52.16 18.22
C VAL A 135 33.92 -52.73 18.69
N CYS A 136 33.15 -51.89 19.39
CA CYS A 136 31.85 -52.31 19.92
C CYS A 136 30.73 -51.53 19.24
N LEU A 137 29.94 -52.21 18.43
CA LEU A 137 28.87 -51.57 17.68
C LEU A 137 27.52 -51.82 18.32
N ILE A 138 26.76 -50.73 18.50
CA ILE A 138 25.49 -50.77 19.22
C ILE A 138 24.38 -50.20 18.35
N SER A 139 23.35 -50.98 18.07
CA SER A 139 22.34 -50.53 17.11
C SER A 139 20.90 -50.83 17.50
N ASP A 140 19.99 -50.05 16.92
CA ASP A 140 18.55 -50.27 17.01
C ASP A 140 18.02 -50.31 18.43
N PHE A 141 18.44 -49.36 19.26
CA PHE A 141 17.88 -49.26 20.60
C PHE A 141 17.03 -48.01 20.76
N TYR A 142 16.03 -48.10 21.63
CA TYR A 142 15.15 -46.98 21.95
C TYR A 142 14.68 -47.12 23.39
N PRO A 143 14.75 -46.03 24.18
CA PRO A 143 15.16 -44.66 23.83
C PRO A 143 16.66 -44.51 23.57
N GLY A 144 17.06 -43.31 23.17
CA GLY A 144 18.43 -43.05 22.76
C GLY A 144 19.38 -42.73 23.91
N ALA A 145 19.55 -43.69 24.80
CA ALA A 145 20.49 -43.55 25.90
C ALA A 145 21.00 -44.92 26.32
N VAL A 146 22.32 -45.06 26.32
CA VAL A 146 22.98 -46.28 26.80
C VAL A 146 24.19 -45.91 27.62
N THR A 147 24.61 -46.82 28.48
CA THR A 147 25.91 -46.72 29.14
C THR A 147 26.72 -47.95 28.76
N VAL A 148 27.98 -47.75 28.42
CA VAL A 148 28.84 -48.88 28.07
C VAL A 148 30.04 -48.95 29.02
N ALA A 149 30.33 -50.16 29.47
CA ALA A 149 31.47 -50.40 30.34
C ALA A 149 32.38 -51.45 29.72
N TRP A 150 33.66 -51.14 29.61
CA TRP A 150 34.63 -52.10 29.11
C TRP A 150 35.27 -52.85 30.27
N LYS A 151 35.50 -54.14 30.08
CA LYS A 151 36.11 -54.95 31.13
C LYS A 151 37.32 -55.73 30.61
N ALA A 152 38.46 -55.53 31.27
CA ALA A 152 39.63 -56.38 31.08
C ALA A 152 39.46 -57.60 31.98
N ASP A 153 39.28 -58.76 31.37
CA ASP A 153 38.76 -59.93 32.07
C ASP A 153 37.44 -59.51 32.75
N SER A 154 37.49 -59.32 34.07
CA SER A 154 36.29 -58.87 34.79
C SER A 154 36.50 -57.50 35.44
N SER A 155 37.67 -56.91 35.23
CA SER A 155 37.98 -55.61 35.81
C SER A 155 37.64 -54.47 34.85
N PRO A 156 36.88 -53.48 35.34
CA PRO A 156 36.50 -52.31 34.54
C PRO A 156 37.72 -51.50 34.10
N VAL A 157 37.74 -51.09 32.84
CA VAL A 157 38.81 -50.24 32.33
C VAL A 157 38.21 -48.94 31.78
N LYS A 158 38.74 -47.81 32.24
CA LYS A 158 38.26 -46.51 31.80
C LYS A 158 39.22 -45.85 30.82
N ALA A 159 40.52 -46.10 30.99
CA ALA A 159 41.52 -45.53 30.12
C ALA A 159 41.42 -46.10 28.71
N GLY A 160 41.50 -45.23 27.71
CA GLY A 160 41.52 -45.66 26.31
C GLY A 160 40.14 -45.92 25.73
N VAL A 161 39.10 -45.41 26.39
CA VAL A 161 37.74 -45.61 25.92
C VAL A 161 37.17 -44.36 25.25
N GLU A 162 36.73 -44.51 24.01
CA GLU A 162 36.05 -43.44 23.28
C GLU A 162 34.66 -43.90 22.83
N THR A 163 33.63 -43.21 23.30
CA THR A 163 32.25 -43.61 23.03
C THR A 163 31.44 -42.48 22.41
N THR A 164 30.71 -42.79 21.34
CA THR A 164 29.87 -41.80 20.67
C THR A 164 28.60 -41.52 21.47
N THR A 165 27.95 -40.41 21.14
CA THR A 165 26.61 -40.15 21.64
C THR A 165 25.64 -40.86 20.70
N PRO A 166 24.49 -41.30 21.22
CA PRO A 166 23.50 -41.96 20.36
C PRO A 166 23.05 -41.06 19.23
N SER A 167 22.94 -41.62 18.02
CA SER A 167 22.45 -40.86 16.88
C SER A 167 21.17 -41.49 16.36
N LYS A 168 20.15 -40.66 16.15
CA LYS A 168 18.85 -41.14 15.72
C LYS A 168 18.92 -41.63 14.28
N GLN A 169 18.27 -42.76 14.02
CA GLN A 169 18.23 -43.34 12.69
C GLN A 169 16.94 -42.99 11.97
N SER A 170 16.77 -43.56 10.77
CA SER A 170 15.57 -43.32 9.98
C SER A 170 14.35 -43.99 10.60
N ASN A 171 14.56 -45.09 11.31
CA ASN A 171 13.47 -45.81 11.96
C ASN A 171 13.22 -45.30 13.38
N ASN A 172 13.66 -44.08 13.66
CA ASN A 172 13.52 -43.43 14.96
C ASN A 172 14.28 -44.10 16.10
N LYS A 173 14.91 -45.24 15.81
CA LYS A 173 15.78 -45.89 16.78
C LYS A 173 17.18 -45.26 16.73
N TYR A 174 18.07 -45.74 17.58
CA TYR A 174 19.38 -45.09 17.73
C TYR A 174 20.55 -46.05 17.55
N ALA A 175 21.70 -45.50 17.20
CA ALA A 175 22.93 -46.27 17.06
C ALA A 175 24.06 -45.58 17.78
N ALA A 176 25.04 -46.39 18.22
CA ALA A 176 26.20 -45.87 18.91
C ALA A 176 27.37 -46.84 18.74
N SER A 177 28.57 -46.37 19.02
CA SER A 177 29.74 -47.22 18.95
C SER A 177 30.75 -46.82 20.02
N SER A 178 31.56 -47.77 20.46
CA SER A 178 32.58 -47.50 21.46
C SER A 178 33.88 -48.17 21.06
N TYR A 179 34.98 -47.45 21.25
CA TYR A 179 36.29 -47.96 20.86
C TYR A 179 37.21 -48.04 22.07
N LEU A 180 37.85 -49.19 22.23
CA LEU A 180 38.82 -49.38 23.29
C LEU A 180 40.21 -49.53 22.72
N SER A 181 41.08 -48.56 23.02
CA SER A 181 42.46 -48.59 22.54
C SER A 181 43.37 -49.31 23.52
N LEU A 182 44.10 -50.31 23.04
CA LEU A 182 45.01 -51.08 23.87
C LEU A 182 46.37 -51.22 23.21
N THR A 183 47.36 -51.62 24.01
CA THR A 183 48.63 -52.10 23.47
C THR A 183 48.46 -53.57 23.15
N PRO A 184 49.23 -54.09 22.18
CA PRO A 184 49.19 -55.52 21.89
C PRO A 184 49.50 -56.38 23.12
N GLU A 185 50.32 -55.85 24.04
CA GLU A 185 50.67 -56.57 25.25
C GLU A 185 49.45 -56.74 26.17
N GLN A 186 48.74 -55.65 26.43
CA GLN A 186 47.54 -55.70 27.27
C GLN A 186 46.50 -56.65 26.71
N TRP A 187 46.31 -56.61 25.39
CA TRP A 187 45.33 -57.46 24.72
C TRP A 187 45.66 -58.93 24.89
N LYS A 188 46.95 -59.26 24.85
CA LYS A 188 47.39 -60.65 24.95
C LYS A 188 47.61 -61.10 26.39
N SER A 189 47.65 -60.16 27.32
CA SER A 189 47.93 -60.50 28.71
C SER A 189 46.67 -60.85 29.49
N HIS A 190 45.50 -60.67 28.86
CA HIS A 190 44.24 -60.99 29.50
C HIS A 190 43.53 -62.15 28.81
N ARG A 191 42.70 -62.85 29.56
CA ARG A 191 41.94 -63.98 29.02
C ARG A 191 40.92 -63.48 28.00
N SER A 192 40.35 -62.31 28.24
CA SER A 192 39.34 -61.76 27.37
C SER A 192 39.05 -60.30 27.67
N TYR A 193 38.34 -59.65 26.75
CA TYR A 193 37.82 -58.31 26.98
C TYR A 193 36.33 -58.30 26.68
N SER A 194 35.58 -57.48 27.40
CA SER A 194 34.14 -57.44 27.21
C SER A 194 33.63 -56.02 27.01
N CYS A 195 32.61 -55.91 26.16
CA CYS A 195 31.89 -54.66 25.98
C CYS A 195 30.49 -54.83 26.57
N GLN A 196 30.25 -54.15 27.69
CA GLN A 196 29.00 -54.31 28.42
C GLN A 196 28.10 -53.09 28.21
N VAL A 197 26.98 -53.30 27.52
CA VAL A 197 26.05 -52.20 27.24
C VAL A 197 24.79 -52.31 28.08
N THR A 198 24.48 -51.25 28.82
CA THR A 198 23.28 -51.24 29.65
C THR A 198 22.26 -50.24 29.08
N HIS A 199 21.02 -50.72 28.94
CA HIS A 199 19.95 -49.91 28.36
C HIS A 199 18.64 -50.13 29.11
N GLU A 200 18.16 -49.08 29.77
CA GLU A 200 16.92 -49.12 30.54
C GLU A 200 16.92 -50.25 31.56
N GLY A 201 18.07 -50.45 32.22
CA GLY A 201 18.17 -51.43 33.28
C GLY A 201 18.48 -52.85 32.84
N SER A 202 18.62 -53.05 31.54
CA SER A 202 18.96 -54.37 31.01
C SER A 202 20.30 -54.32 30.29
N THR A 203 21.08 -55.39 30.42
CA THR A 203 22.45 -55.41 29.94
C THR A 203 22.68 -56.41 28.83
N VAL A 204 23.22 -55.93 27.71
CA VAL A 204 23.69 -56.80 26.63
C VAL A 204 25.21 -56.70 26.58
N GLU A 205 25.87 -57.84 26.78
CA GLU A 205 27.33 -57.85 26.92
C GLU A 205 27.95 -58.89 26.00
N LYS A 206 28.99 -58.49 25.28
CA LYS A 206 29.71 -59.41 24.39
C LYS A 206 31.18 -59.51 24.82
N THR A 207 31.80 -60.64 24.49
CA THR A 207 33.16 -60.91 24.92
C THR A 207 34.01 -61.46 23.76
N VAL A 208 35.25 -61.01 23.66
CA VAL A 208 36.19 -61.52 22.67
C VAL A 208 37.51 -61.90 23.34
N ALA A 209 38.23 -62.83 22.73
CA ALA A 209 39.47 -63.33 23.31
C ALA A 209 40.56 -63.51 22.26
N PRO A 210 41.83 -63.38 22.67
CA PRO A 210 42.97 -63.59 21.77
C PRO A 210 43.12 -65.06 21.38
N THR A 211 43.13 -65.34 20.07
CA THR A 211 43.33 -66.70 19.58
C THR A 211 43.87 -66.68 18.15
N GLN B 1 15.31 -34.47 -13.49
CA GLN B 1 14.65 -34.07 -12.25
C GLN B 1 15.34 -32.88 -11.61
N VAL B 2 14.60 -32.14 -10.78
CA VAL B 2 15.14 -30.98 -10.10
C VAL B 2 16.23 -31.39 -9.11
N GLN B 3 17.38 -30.73 -9.20
CA GLN B 3 18.54 -31.15 -8.43
C GLN B 3 19.53 -30.01 -8.18
N LEU B 4 20.12 -29.99 -7.00
CA LEU B 4 21.21 -29.08 -6.67
C LEU B 4 22.38 -29.88 -6.10
N LEU B 5 23.57 -29.69 -6.68
CA LEU B 5 24.75 -30.42 -6.23
C LEU B 5 25.89 -29.50 -5.79
N GLU B 6 26.17 -29.49 -4.49
CA GLU B 6 27.25 -28.68 -3.96
C GLU B 6 28.60 -29.37 -4.10
N SER B 7 29.66 -28.57 -4.16
CA SER B 7 31.03 -29.08 -4.17
C SER B 7 31.99 -27.96 -3.79
N GLY B 8 33.23 -28.32 -3.50
CA GLY B 8 34.26 -27.33 -3.19
C GLY B 8 34.60 -27.25 -1.71
N GLY B 9 33.80 -27.91 -0.88
CA GLY B 9 34.04 -27.90 0.55
C GLY B 9 35.26 -28.72 0.93
N GLY B 10 35.88 -28.37 2.06
CA GLY B 10 37.05 -29.09 2.52
C GLY B 10 37.73 -28.38 3.68
N LEU B 11 38.94 -28.83 4.00
CA LEU B 11 39.73 -28.24 5.08
C LEU B 11 40.46 -26.99 4.61
N VAL B 12 40.46 -25.96 5.44
CA VAL B 12 41.15 -24.72 5.13
C VAL B 12 41.61 -24.05 6.42
N GLN B 13 42.76 -23.39 6.38
CA GLN B 13 43.27 -22.69 7.57
C GLN B 13 42.44 -21.45 7.87
N PRO B 14 42.42 -21.04 9.15
CA PRO B 14 41.84 -19.73 9.51
C PRO B 14 42.55 -18.61 8.76
N GLY B 15 41.78 -17.70 8.15
CA GLY B 15 42.35 -16.67 7.31
C GLY B 15 42.42 -17.11 5.86
N GLY B 16 42.23 -18.40 5.62
CA GLY B 16 42.30 -18.94 4.27
C GLY B 16 41.09 -18.60 3.43
N SER B 17 41.07 -19.10 2.20
CA SER B 17 39.96 -18.84 1.30
C SER B 17 39.46 -20.13 0.64
N LEU B 18 38.22 -20.10 0.16
CA LEU B 18 37.60 -21.27 -0.42
C LEU B 18 36.44 -20.87 -1.33
N ARG B 19 36.25 -21.61 -2.43
CA ARG B 19 35.14 -21.32 -3.33
C ARG B 19 34.19 -22.51 -3.46
N LEU B 20 32.94 -22.32 -3.08
CA LEU B 20 31.92 -23.35 -3.21
C LEU B 20 31.15 -23.21 -4.51
N SER B 21 30.73 -24.34 -5.06
CA SER B 21 29.94 -24.36 -6.29
C SER B 21 28.65 -25.13 -6.09
N CYS B 22 27.59 -24.71 -6.78
CA CYS B 22 26.32 -25.41 -6.73
C CYS B 22 25.76 -25.57 -8.14
N ALA B 23 25.82 -26.79 -8.66
CA ALA B 23 25.37 -27.05 -10.02
C ALA B 23 23.88 -27.44 -10.02
N ALA B 24 23.08 -26.65 -10.72
CA ALA B 24 21.64 -26.86 -10.77
C ALA B 24 21.24 -27.59 -12.04
N SER B 25 20.22 -28.43 -11.93
CA SER B 25 19.68 -29.12 -13.09
C SER B 25 18.19 -29.43 -12.89
N GLY B 26 17.46 -29.55 -13.99
CA GLY B 26 16.07 -29.97 -13.93
C GLY B 26 15.09 -28.83 -13.80
N PHE B 27 15.59 -27.60 -13.91
CA PHE B 27 14.73 -26.42 -13.88
C PHE B 27 15.44 -25.23 -14.52
N THR B 28 14.66 -24.20 -14.86
CA THR B 28 15.20 -23.00 -15.46
C THR B 28 15.88 -22.15 -14.41
N PHE B 29 17.18 -22.38 -14.22
CA PHE B 29 17.99 -21.77 -13.17
C PHE B 29 17.83 -20.25 -13.08
N SER B 30 17.84 -19.59 -14.24
CA SER B 30 17.86 -18.12 -14.30
C SER B 30 16.55 -17.50 -13.82
N SER B 31 15.52 -18.32 -13.63
CA SER B 31 14.21 -17.82 -13.24
C SER B 31 14.01 -17.78 -11.71
N TYR B 32 15.02 -18.16 -10.96
CA TYR B 32 14.87 -18.28 -9.52
C TYR B 32 15.95 -17.54 -8.73
N ALA B 33 15.59 -17.07 -7.54
CA ALA B 33 16.57 -16.59 -6.58
C ALA B 33 17.26 -17.82 -5.98
N MET B 34 18.53 -17.67 -5.62
CA MET B 34 19.29 -18.78 -5.06
C MET B 34 19.96 -18.36 -3.76
N SER B 35 20.18 -19.31 -2.86
CA SER B 35 20.71 -18.96 -1.55
C SER B 35 21.72 -19.98 -1.03
N TRP B 36 22.55 -19.53 -0.09
CA TRP B 36 23.39 -20.42 0.69
C TRP B 36 22.92 -20.41 2.13
N VAL B 37 22.71 -21.60 2.69
CA VAL B 37 22.36 -21.75 4.09
C VAL B 37 23.34 -22.74 4.71
N ARG B 38 23.85 -22.42 5.90
CA ARG B 38 24.80 -23.31 6.55
C ARG B 38 24.27 -23.85 7.88
N GLN B 39 24.87 -24.93 8.34
CA GLN B 39 24.49 -25.55 9.60
C GLN B 39 25.69 -26.21 10.25
N ALA B 40 26.07 -25.70 11.42
CA ALA B 40 27.13 -26.32 12.21
C ALA B 40 26.62 -27.61 12.85
N PRO B 41 27.50 -28.61 13.00
CA PRO B 41 27.14 -29.91 13.59
C PRO B 41 26.37 -29.79 14.89
N GLY B 42 25.13 -30.30 14.91
CA GLY B 42 24.31 -30.27 16.10
C GLY B 42 23.64 -28.93 16.37
N LYS B 43 23.79 -27.99 15.44
CA LYS B 43 23.25 -26.66 15.61
C LYS B 43 22.13 -26.37 14.61
N GLY B 44 21.57 -25.17 14.69
CA GLY B 44 20.44 -24.79 13.86
C GLY B 44 20.82 -24.25 12.49
N LEU B 45 19.82 -23.87 11.71
CA LEU B 45 20.05 -23.32 10.37
C LEU B 45 20.44 -21.85 10.44
N GLU B 46 21.43 -21.47 9.65
CA GLU B 46 21.85 -20.08 9.58
C GLU B 46 21.99 -19.62 8.13
N TRP B 47 21.16 -18.67 7.73
CA TRP B 47 21.21 -18.15 6.37
C TRP B 47 22.50 -17.38 6.12
N VAL B 48 23.16 -17.68 5.01
CA VAL B 48 24.44 -17.07 4.68
C VAL B 48 24.29 -15.94 3.67
N SER B 49 23.66 -16.25 2.54
CA SER B 49 23.56 -15.27 1.46
C SER B 49 22.47 -15.64 0.47
N THR B 50 21.94 -14.63 -0.22
CA THR B 50 20.97 -14.84 -1.28
C THR B 50 21.29 -13.95 -2.48
N ILE B 51 21.15 -14.50 -3.68
CA ILE B 51 21.27 -13.72 -4.90
C ILE B 51 19.94 -13.74 -5.66
N SER B 52 19.52 -12.57 -6.12
CA SER B 52 18.26 -12.44 -6.86
C SER B 52 18.41 -12.98 -8.27
N LEU B 53 17.29 -13.23 -8.95
CA LEU B 53 17.35 -13.56 -10.36
C LEU B 53 17.76 -12.32 -11.14
N THR B 54 17.42 -11.16 -10.58
CA THR B 54 17.72 -9.88 -11.20
C THR B 54 19.16 -9.46 -10.93
N SER B 55 19.88 -9.09 -11.99
CA SER B 55 21.28 -8.73 -11.88
C SER B 55 21.52 -7.53 -10.98
N GLY B 56 22.50 -7.65 -10.09
CA GLY B 56 22.92 -6.54 -9.26
C GLY B 56 22.44 -6.59 -7.82
N PHE B 57 21.63 -7.59 -7.48
CA PHE B 57 21.10 -7.65 -6.12
C PHE B 57 21.57 -8.90 -5.38
N THR B 58 22.42 -8.67 -4.37
CA THR B 58 22.90 -9.73 -3.49
C THR B 58 22.62 -9.38 -2.04
N TYR B 59 22.56 -10.41 -1.20
CA TYR B 59 22.20 -10.23 0.21
C TYR B 59 23.10 -11.08 1.10
N TYR B 60 23.46 -10.56 2.26
CA TYR B 60 24.38 -11.23 3.15
C TYR B 60 23.99 -11.11 4.62
N ALA B 61 24.30 -12.13 5.41
CA ALA B 61 24.20 -12.02 6.85
C ALA B 61 25.33 -11.12 7.32
N ASP B 62 25.11 -10.39 8.42
CA ASP B 62 26.12 -9.46 8.94
C ASP B 62 27.45 -10.15 9.22
N SER B 63 27.39 -11.39 9.72
CA SER B 63 28.58 -12.11 10.13
C SER B 63 29.52 -12.46 8.97
N VAL B 64 29.03 -12.33 7.74
CA VAL B 64 29.87 -12.67 6.58
C VAL B 64 30.04 -11.49 5.62
N LYS B 65 29.39 -10.37 5.92
CA LYS B 65 29.52 -9.15 5.11
C LYS B 65 30.97 -8.73 4.97
N GLY B 66 31.42 -8.55 3.72
CA GLY B 66 32.80 -8.15 3.47
C GLY B 66 33.76 -9.32 3.34
N ARG B 67 33.34 -10.51 3.74
CA ARG B 67 34.20 -11.68 3.66
C ARG B 67 33.74 -12.65 2.58
N PHE B 68 32.42 -12.80 2.43
CA PHE B 68 31.87 -13.73 1.45
C PHE B 68 31.29 -12.99 0.25
N THR B 69 31.31 -13.65 -0.90
CA THR B 69 30.73 -13.09 -2.12
C THR B 69 29.93 -14.15 -2.85
N ILE B 70 28.64 -13.90 -3.01
CA ILE B 70 27.79 -14.81 -3.77
C ILE B 70 27.69 -14.31 -5.22
N SER B 71 27.59 -15.25 -6.15
CA SER B 71 27.44 -14.94 -7.56
C SER B 71 26.81 -16.12 -8.29
N ARG B 72 26.36 -15.89 -9.52
CA ARG B 72 25.77 -16.96 -10.32
C ARG B 72 26.25 -16.88 -11.77
N ASP B 73 26.32 -18.03 -12.42
CA ASP B 73 26.61 -18.11 -13.85
C ASP B 73 25.47 -18.86 -14.52
N ASN B 74 24.50 -18.12 -15.03
CA ASN B 74 23.29 -18.70 -15.60
C ASN B 74 23.57 -19.56 -16.82
N SER B 75 24.63 -19.23 -17.55
CA SER B 75 25.02 -20.00 -18.73
C SER B 75 25.53 -21.39 -18.33
N LYS B 76 26.02 -21.51 -17.09
CA LYS B 76 26.49 -22.79 -16.58
C LYS B 76 25.53 -23.39 -15.55
N ASN B 77 24.41 -22.69 -15.32
CA ASN B 77 23.45 -23.09 -14.30
C ASN B 77 24.10 -23.36 -12.96
N THR B 78 25.04 -22.51 -12.57
CA THR B 78 25.82 -22.74 -11.37
C THR B 78 25.80 -21.55 -10.42
N LEU B 79 25.62 -21.84 -9.14
CA LEU B 79 25.73 -20.83 -8.09
C LEU B 79 27.10 -20.96 -7.40
N TYR B 80 27.70 -19.82 -7.07
CA TYR B 80 29.01 -19.82 -6.40
C TYR B 80 28.96 -19.13 -5.05
N LEU B 81 29.89 -19.50 -4.17
CA LEU B 81 30.12 -18.76 -2.94
C LEU B 81 31.62 -18.63 -2.71
N GLN B 82 32.16 -17.43 -2.96
CA GLN B 82 33.55 -17.16 -2.67
C GLN B 82 33.70 -16.79 -1.21
N MET B 83 34.48 -17.59 -0.48
CA MET B 83 34.66 -17.37 0.96
C MET B 83 36.10 -16.95 1.27
N ASN B 84 36.25 -15.74 1.80
CA ASN B 84 37.56 -15.21 2.16
C ASN B 84 37.66 -14.96 3.66
N SER B 85 38.90 -14.78 4.15
CA SER B 85 39.14 -14.47 5.55
C SER B 85 38.37 -15.39 6.49
N LEU B 86 38.45 -16.69 6.23
CA LEU B 86 37.64 -17.67 6.95
C LEU B 86 37.98 -17.72 8.44
N ARG B 87 36.93 -17.84 9.26
CA ARG B 87 37.07 -17.94 10.71
C ARG B 87 36.64 -19.31 11.15
N ALA B 88 37.08 -19.72 12.33
CA ALA B 88 36.74 -21.04 12.87
C ALA B 88 35.23 -21.25 12.98
N GLU B 89 34.49 -20.17 13.24
CA GLU B 89 33.04 -20.27 13.38
C GLU B 89 32.32 -20.38 12.04
N ASP B 90 33.06 -20.40 10.94
CA ASP B 90 32.47 -20.62 9.63
C ASP B 90 32.33 -22.13 9.35
N THR B 91 32.90 -22.95 10.22
CA THR B 91 32.82 -24.40 10.07
C THR B 91 31.37 -24.88 10.12
N ALA B 92 30.93 -25.48 9.02
CA ALA B 92 29.55 -25.97 8.91
C ALA B 92 29.34 -26.75 7.62
N VAL B 93 28.19 -27.40 7.52
CA VAL B 93 27.72 -27.92 6.25
C VAL B 93 27.02 -26.78 5.52
N TYR B 94 27.43 -26.53 4.28
CA TYR B 94 26.84 -25.45 3.49
C TYR B 94 25.86 -25.97 2.46
N TYR B 95 24.62 -25.49 2.53
CA TYR B 95 23.58 -25.93 1.61
C TYR B 95 23.28 -24.90 0.54
N CYS B 96 23.03 -25.38 -0.66
CA CYS B 96 22.50 -24.59 -1.76
C CYS B 96 20.97 -24.75 -1.76
N ALA B 97 20.23 -23.68 -2.02
CA ALA B 97 18.77 -23.77 -2.01
C ALA B 97 18.10 -22.78 -2.96
N ARG B 98 16.92 -23.15 -3.45
CA ARG B 98 16.20 -22.37 -4.46
C ARG B 98 15.01 -21.60 -3.90
N GLN B 99 14.81 -20.39 -4.42
CA GLN B 99 13.73 -19.48 -4.01
C GLN B 99 13.86 -18.97 -2.58
N LEU B 100 13.09 -17.94 -2.26
CA LEU B 100 13.05 -17.40 -0.91
C LEU B 100 12.37 -18.36 0.04
N THR B 101 11.57 -19.27 -0.52
CA THR B 101 10.93 -20.31 0.27
C THR B 101 11.87 -21.47 0.56
N LEU B 102 13.00 -21.51 -0.13
CA LEU B 102 13.97 -22.59 0.01
C LEU B 102 13.28 -23.94 -0.22
N ASP B 103 12.68 -24.09 -1.39
CA ASP B 103 11.80 -25.24 -1.64
C ASP B 103 12.57 -26.48 -2.07
N VAL B 104 13.78 -26.30 -2.58
CA VAL B 104 14.63 -27.44 -2.89
C VAL B 104 16.07 -27.20 -2.42
N TRP B 105 16.64 -28.21 -1.77
CA TRP B 105 17.97 -28.13 -1.18
C TRP B 105 18.93 -29.12 -1.81
N GLY B 106 20.22 -28.78 -1.82
CA GLY B 106 21.23 -29.74 -2.19
C GLY B 106 21.55 -30.64 -1.01
N GLN B 107 22.49 -31.56 -1.19
CA GLN B 107 22.86 -32.49 -0.13
C GLN B 107 23.87 -31.86 0.83
N GLY B 108 24.43 -30.73 0.45
CA GLY B 108 25.34 -29.99 1.31
C GLY B 108 26.80 -30.35 1.12
N THR B 109 27.69 -29.46 1.55
CA THR B 109 29.12 -29.73 1.49
C THR B 109 29.81 -29.17 2.73
N LEU B 110 30.66 -30.00 3.33
CA LEU B 110 31.27 -29.65 4.61
C LEU B 110 32.48 -28.73 4.45
N VAL B 111 32.41 -27.59 5.12
CA VAL B 111 33.55 -26.68 5.16
C VAL B 111 34.15 -26.70 6.56
N THR B 112 35.42 -27.09 6.64
CA THR B 112 36.12 -27.15 7.92
C THR B 112 37.26 -26.16 7.95
N VAL B 113 37.20 -25.21 8.86
CA VAL B 113 38.30 -24.28 8.99
C VAL B 113 39.02 -24.50 10.32
N SER B 114 40.28 -24.89 10.20
CA SER B 114 41.07 -25.32 11.35
C SER B 114 42.55 -25.31 11.01
N SER B 115 43.39 -25.11 12.03
CA SER B 115 44.84 -25.12 11.85
C SER B 115 45.37 -26.55 11.82
N ALA B 116 44.52 -27.50 12.16
CA ALA B 116 44.90 -28.91 12.15
C ALA B 116 45.15 -29.38 10.73
N SER B 117 46.09 -30.30 10.58
CA SER B 117 46.44 -30.83 9.26
C SER B 117 45.57 -32.02 8.91
N THR B 118 45.39 -32.25 7.62
CA THR B 118 44.59 -33.38 7.15
C THR B 118 45.31 -34.68 7.51
N LYS B 119 44.53 -35.73 7.72
CA LYS B 119 45.08 -37.01 8.17
C LYS B 119 44.37 -38.18 7.50
N GLY B 120 45.11 -38.94 6.70
CA GLY B 120 44.56 -40.11 6.06
C GLY B 120 44.32 -41.22 7.06
N PRO B 121 43.24 -41.99 6.86
CA PRO B 121 42.90 -43.08 7.79
C PRO B 121 43.60 -44.39 7.48
N SER B 122 43.80 -45.21 8.51
CA SER B 122 44.22 -46.58 8.31
C SER B 122 42.98 -47.46 8.23
N VAL B 123 42.96 -48.40 7.30
CA VAL B 123 41.81 -49.28 7.14
C VAL B 123 42.16 -50.72 7.54
N PHE B 124 41.42 -51.25 8.50
CA PHE B 124 41.63 -52.63 8.96
C PHE B 124 40.37 -53.46 8.80
N PRO B 125 40.53 -54.72 8.37
CA PRO B 125 39.39 -55.62 8.20
C PRO B 125 38.86 -56.14 9.52
N LEU B 126 37.54 -56.27 9.62
CA LEU B 126 36.90 -56.84 10.80
C LEU B 126 36.36 -58.22 10.44
N ALA B 127 37.17 -59.25 10.66
CA ALA B 127 36.88 -60.60 10.21
C ALA B 127 35.63 -61.19 10.87
N PRO B 128 34.86 -61.98 10.11
CA PRO B 128 33.67 -62.68 10.62
C PRO B 128 34.01 -63.62 11.77
N SER B 129 33.05 -63.85 12.67
CA SER B 129 33.25 -64.74 13.80
C SER B 129 32.36 -65.97 13.69
N SER B 130 32.47 -66.87 14.66
CA SER B 130 31.66 -68.08 14.70
C SER B 130 31.59 -68.65 16.11
N GLY B 136 23.30 -69.18 11.21
CA GLY B 136 22.50 -68.28 10.40
C GLY B 136 23.35 -67.28 9.64
N THR B 137 23.39 -66.05 10.13
CA THR B 137 24.16 -64.99 9.48
C THR B 137 25.37 -64.59 10.31
N ALA B 138 26.41 -64.09 9.64
CA ALA B 138 27.63 -63.64 10.31
C ALA B 138 27.81 -62.14 10.15
N ALA B 139 28.69 -61.55 10.96
CA ALA B 139 28.94 -60.12 10.91
C ALA B 139 30.40 -59.81 10.61
N LEU B 140 30.64 -59.10 9.53
CA LEU B 140 31.98 -58.67 9.15
C LEU B 140 31.98 -57.18 8.88
N GLY B 141 33.17 -56.57 8.82
CA GLY B 141 33.24 -55.15 8.59
C GLY B 141 34.62 -54.58 8.32
N CYS B 142 34.70 -53.24 8.32
CA CYS B 142 35.95 -52.54 8.12
C CYS B 142 36.11 -51.42 9.15
N LEU B 143 37.32 -51.29 9.66
CA LEU B 143 37.64 -50.24 10.62
C LEU B 143 38.51 -49.16 9.97
N VAL B 144 37.96 -47.97 9.83
CA VAL B 144 38.72 -46.85 9.30
C VAL B 144 39.10 -45.94 10.47
N LYS B 145 40.41 -45.87 10.72
CA LYS B 145 40.93 -45.39 11.99
C LYS B 145 41.76 -44.11 11.85
N ASP B 146 41.51 -43.16 12.75
CA ASP B 146 42.31 -41.95 12.88
C ASP B 146 42.41 -41.12 11.60
N TYR B 147 41.35 -40.39 11.28
CA TYR B 147 41.37 -39.50 10.13
C TYR B 147 40.86 -38.10 10.48
N PHE B 148 41.15 -37.15 9.60
CA PHE B 148 40.69 -35.78 9.76
C PHE B 148 40.79 -35.03 8.44
N PRO B 149 39.72 -34.30 8.07
CA PRO B 149 38.47 -34.27 8.82
C PRO B 149 37.42 -35.18 8.19
N GLU B 150 36.16 -34.96 8.55
CA GLU B 150 35.04 -35.60 7.87
C GLU B 150 34.95 -35.06 6.44
N PRO B 151 34.30 -35.80 5.53
CA PRO B 151 33.64 -37.09 5.71
C PRO B 151 34.48 -38.27 5.20
N VAL B 152 33.92 -39.46 5.36
CA VAL B 152 34.48 -40.68 4.80
C VAL B 152 33.35 -41.52 4.23
N THR B 153 33.50 -41.97 2.99
CA THR B 153 32.50 -42.82 2.37
C THR B 153 32.95 -44.28 2.36
N VAL B 154 32.01 -45.17 2.65
CA VAL B 154 32.30 -46.60 2.62
C VAL B 154 31.25 -47.36 1.81
N SER B 155 31.70 -48.15 0.85
CA SER B 155 30.82 -49.04 0.10
C SER B 155 31.38 -50.45 0.14
N TRP B 156 30.55 -51.42 -0.24
CA TRP B 156 30.97 -52.81 -0.25
C TRP B 156 30.78 -53.44 -1.62
N ASN B 157 31.84 -54.06 -2.13
CA ASN B 157 31.85 -54.63 -3.48
C ASN B 157 31.52 -53.58 -4.53
N SER B 158 32.13 -52.41 -4.38
CA SER B 158 31.96 -51.29 -5.31
C SER B 158 30.49 -50.88 -5.47
N GLY B 159 29.70 -51.06 -4.41
CA GLY B 159 28.32 -50.64 -4.42
C GLY B 159 27.34 -51.75 -4.74
N ALA B 160 27.86 -52.93 -5.06
CA ALA B 160 27.02 -54.07 -5.39
C ALA B 160 26.29 -54.61 -4.17
N LEU B 161 26.93 -54.45 -3.01
CA LEU B 161 26.36 -54.93 -1.76
C LEU B 161 25.87 -53.77 -0.90
N THR B 162 24.56 -53.74 -0.65
CA THR B 162 23.97 -52.67 0.15
C THR B 162 23.07 -53.23 1.24
N SER B 163 22.53 -54.42 0.99
CA SER B 163 21.62 -55.06 1.93
C SER B 163 22.36 -55.54 3.18
N GLY B 164 21.96 -54.99 4.32
CA GLY B 164 22.58 -55.36 5.59
C GLY B 164 23.83 -54.57 5.90
N VAL B 165 24.03 -53.49 5.16
CA VAL B 165 25.19 -52.63 5.37
C VAL B 165 24.86 -51.48 6.31
N HIS B 166 25.58 -51.42 7.43
CA HIS B 166 25.42 -50.33 8.38
C HIS B 166 26.75 -49.62 8.63
N THR B 167 26.83 -48.36 8.20
CA THR B 167 27.99 -47.54 8.45
C THR B 167 27.72 -46.60 9.62
N PHE B 168 28.41 -46.84 10.73
CA PHE B 168 28.16 -46.08 11.95
C PHE B 168 28.78 -44.70 11.89
N PRO B 169 28.08 -43.70 12.47
CA PRO B 169 28.63 -42.36 12.65
C PRO B 169 29.98 -42.42 13.36
N ALA B 170 30.91 -41.57 12.94
CA ALA B 170 32.28 -41.60 13.45
C ALA B 170 32.36 -41.15 14.90
N VAL B 171 33.40 -41.61 15.58
CA VAL B 171 33.70 -41.13 16.92
C VAL B 171 34.73 -40.01 16.82
N LEU B 172 34.60 -38.99 17.66
CA LEU B 172 35.61 -37.95 17.75
C LEU B 172 36.45 -38.20 18.99
N GLN B 173 37.67 -38.69 18.77
CA GLN B 173 38.58 -38.98 19.86
C GLN B 173 39.14 -37.69 20.46
N SER B 174 39.70 -37.80 21.67
CA SER B 174 40.29 -36.66 22.35
C SER B 174 41.52 -36.14 21.63
N SER B 175 42.09 -36.99 20.77
CA SER B 175 43.24 -36.62 19.95
C SER B 175 42.86 -35.63 18.86
N GLY B 176 41.55 -35.54 18.59
CA GLY B 176 41.06 -34.70 17.52
C GLY B 176 40.89 -35.46 16.22
N LEU B 177 41.13 -36.76 16.26
CA LEU B 177 40.98 -37.61 15.08
C LEU B 177 39.67 -38.38 15.10
N TYR B 178 39.16 -38.71 13.92
CA TYR B 178 37.92 -39.46 13.80
C TYR B 178 38.18 -40.94 13.55
N SER B 179 37.22 -41.77 13.92
CA SER B 179 37.23 -43.18 13.55
C SER B 179 35.79 -43.67 13.36
N LEU B 180 35.58 -44.51 12.37
CA LEU B 180 34.27 -45.12 12.20
C LEU B 180 34.42 -46.56 11.71
N SER B 181 33.30 -47.29 11.74
CA SER B 181 33.27 -48.66 11.27
C SER B 181 32.03 -48.89 10.41
N SER B 182 32.15 -49.78 9.44
CA SER B 182 31.02 -50.19 8.62
C SER B 182 30.89 -51.71 8.70
N VAL B 183 29.70 -52.19 9.08
CA VAL B 183 29.50 -53.61 9.28
C VAL B 183 28.41 -54.15 8.34
N VAL B 184 28.65 -55.34 7.79
CA VAL B 184 27.67 -56.00 6.94
C VAL B 184 27.23 -57.33 7.54
N THR B 185 25.91 -57.54 7.59
CA THR B 185 25.37 -58.81 8.06
C THR B 185 25.01 -59.70 6.88
N VAL B 186 25.79 -60.75 6.68
CA VAL B 186 25.59 -61.68 5.57
C VAL B 186 25.48 -63.12 6.07
N PRO B 187 24.75 -63.98 5.32
CA PRO B 187 24.66 -65.40 5.67
C PRO B 187 26.04 -66.06 5.71
N SER B 188 26.28 -66.88 6.73
CA SER B 188 27.59 -67.47 6.97
C SER B 188 27.94 -68.57 5.97
N SER B 189 26.92 -69.07 5.28
CA SER B 189 27.13 -70.14 4.31
C SER B 189 27.82 -69.62 3.05
N SER B 190 27.91 -68.31 2.92
CA SER B 190 28.54 -67.68 1.76
C SER B 190 29.92 -67.14 2.10
N LEU B 191 30.37 -67.38 3.33
CA LEU B 191 31.67 -66.90 3.78
C LEU B 191 32.82 -67.56 3.01
N GLY B 192 32.59 -68.77 2.51
CA GLY B 192 33.61 -69.50 1.79
C GLY B 192 33.47 -69.45 0.29
N THR B 193 32.40 -68.79 -0.19
CA THR B 193 32.14 -68.72 -1.62
C THR B 193 32.00 -67.27 -2.09
N GLN B 194 31.65 -66.38 -1.18
CA GLN B 194 31.46 -64.97 -1.53
C GLN B 194 32.57 -64.11 -0.93
N THR B 195 33.17 -63.28 -1.78
CA THR B 195 34.26 -62.39 -1.37
C THR B 195 33.70 -61.03 -0.98
N TYR B 196 34.18 -60.48 0.12
CA TYR B 196 33.71 -59.17 0.58
C TYR B 196 34.83 -58.15 0.67
N ILE B 197 34.68 -57.04 -0.05
CA ILE B 197 35.68 -55.98 -0.03
C ILE B 197 35.01 -54.64 0.28
N CYS B 198 35.53 -53.94 1.28
CA CYS B 198 35.02 -52.62 1.61
C CYS B 198 35.80 -51.56 0.86
N ASN B 199 35.10 -50.54 0.36
CA ASN B 199 35.74 -49.47 -0.38
C ASN B 199 35.71 -48.17 0.42
N VAL B 200 36.84 -47.84 1.03
CA VAL B 200 36.95 -46.65 1.85
C VAL B 200 37.55 -45.50 1.06
N ASN B 201 36.90 -44.35 1.10
CA ASN B 201 37.39 -43.17 0.39
C ASN B 201 37.41 -41.95 1.29
N HIS B 202 38.59 -41.37 1.47
CA HIS B 202 38.74 -40.14 2.24
C HIS B 202 39.35 -39.05 1.36
N LYS B 203 38.48 -38.27 0.72
CA LYS B 203 38.89 -37.24 -0.23
C LYS B 203 39.91 -36.20 0.28
N PRO B 204 39.71 -35.64 1.49
CA PRO B 204 40.62 -34.57 1.92
C PRO B 204 42.10 -34.97 1.96
N SER B 205 42.39 -36.27 2.08
CA SER B 205 43.77 -36.74 2.11
C SER B 205 44.07 -37.59 0.88
N ASN B 206 43.12 -37.62 -0.05
CA ASN B 206 43.23 -38.41 -1.27
C ASN B 206 43.53 -39.88 -0.94
N THR B 207 42.86 -40.38 0.09
CA THR B 207 43.05 -41.75 0.54
C THR B 207 41.92 -42.65 0.03
N LYS B 208 42.26 -43.53 -0.90
CA LYS B 208 41.31 -44.49 -1.43
C LYS B 208 41.80 -45.91 -1.19
N VAL B 209 41.08 -46.66 -0.37
CA VAL B 209 41.51 -48.00 0.02
C VAL B 209 40.42 -49.04 -0.23
N ASP B 210 40.80 -50.15 -0.85
CA ASP B 210 39.92 -51.30 -0.98
C ASP B 210 40.45 -52.44 -0.13
N LYS B 211 39.66 -52.87 0.85
CA LYS B 211 40.12 -53.88 1.81
C LYS B 211 39.25 -55.13 1.78
N LYS B 212 39.89 -56.26 1.51
CA LYS B 212 39.22 -57.56 1.53
C LYS B 212 39.01 -58.03 2.96
N VAL B 213 37.81 -58.54 3.23
CA VAL B 213 37.48 -59.04 4.56
C VAL B 213 37.21 -60.53 4.53
N GLU B 214 38.21 -61.31 4.94
CA GLU B 214 38.07 -62.76 4.95
C GLU B 214 38.29 -63.33 6.36
N PRO B 215 37.62 -64.44 6.67
CA PRO B 215 37.75 -65.08 7.99
C PRO B 215 39.15 -65.64 8.22
N LYS B 216 39.56 -65.74 9.47
CA LYS B 216 40.88 -66.27 9.81
C LYS B 216 40.78 -67.67 10.40
N VAL C 3 1.01 23.72 -10.30
CA VAL C 3 0.26 24.73 -11.04
C VAL C 3 -0.71 24.09 -12.03
N LEU C 4 -2.00 24.42 -11.90
CA LEU C 4 -2.99 23.93 -12.83
C LEU C 4 -3.30 25.02 -13.86
N THR C 5 -3.20 24.67 -15.13
CA THR C 5 -3.36 25.65 -16.20
C THR C 5 -4.61 25.42 -17.02
N GLN C 6 -5.41 26.47 -17.15
CA GLN C 6 -6.63 26.43 -17.96
C GLN C 6 -6.59 27.52 -19.01
N PRO C 7 -7.27 27.30 -20.14
CA PRO C 7 -7.48 28.41 -21.07
C PRO C 7 -8.30 29.51 -20.40
N PRO C 8 -7.95 30.78 -20.66
CA PRO C 8 -8.70 31.91 -20.07
C PRO C 8 -10.16 31.90 -20.50
N SER C 9 -10.42 31.41 -21.70
CA SER C 9 -11.77 31.39 -22.23
C SER C 9 -11.92 30.46 -23.42
N VAL C 10 -13.11 29.88 -23.55
CA VAL C 10 -13.44 29.17 -24.78
C VAL C 10 -14.82 29.65 -25.25
N SER C 11 -15.00 29.62 -26.56
CA SER C 11 -16.28 30.00 -27.16
C SER C 11 -16.88 28.78 -27.84
N VAL C 12 -18.20 28.67 -27.80
CA VAL C 12 -18.87 27.53 -28.40
C VAL C 12 -20.20 27.95 -29.03
N ALA C 13 -20.50 27.36 -30.18
CA ALA C 13 -21.78 27.59 -30.84
C ALA C 13 -22.89 26.88 -30.08
N PRO C 14 -24.09 27.49 -30.05
CA PRO C 14 -25.22 26.90 -29.30
C PRO C 14 -25.60 25.51 -29.82
N GLY C 15 -25.68 24.55 -28.91
CA GLY C 15 -26.04 23.19 -29.26
C GLY C 15 -24.83 22.32 -29.56
N GLN C 16 -23.66 22.94 -29.62
CA GLN C 16 -22.44 22.20 -29.93
C GLN C 16 -21.72 21.76 -28.66
N THR C 17 -20.56 21.13 -28.83
CA THR C 17 -19.82 20.58 -27.72
C THR C 17 -18.70 21.51 -27.25
N ALA C 18 -18.71 21.84 -25.97
CA ALA C 18 -17.66 22.66 -25.38
C ALA C 18 -16.67 21.78 -24.63
N ARG C 19 -15.39 22.09 -24.76
CA ARG C 19 -14.35 21.35 -24.05
C ARG C 19 -13.43 22.30 -23.30
N ILE C 20 -13.25 22.04 -22.01
CA ILE C 20 -12.37 22.87 -21.19
C ILE C 20 -11.29 22.00 -20.57
N SER C 21 -10.03 22.37 -20.79
CA SER C 21 -8.91 21.56 -20.32
C SER C 21 -8.27 22.13 -19.07
N CYS C 22 -7.52 21.27 -18.38
CA CYS C 22 -6.85 21.59 -17.14
C CYS C 22 -5.59 20.76 -17.06
N SER C 23 -4.42 21.39 -17.04
CA SER C 23 -3.15 20.68 -17.10
C SER C 23 -2.23 20.99 -15.93
N GLY C 24 -1.50 19.97 -15.50
CA GLY C 24 -0.52 20.13 -14.43
C GLY C 24 0.30 18.87 -14.29
N ASP C 25 1.33 18.91 -13.43
CA ASP C 25 2.18 17.76 -13.19
C ASP C 25 1.44 16.66 -12.44
N ASN C 26 1.56 15.43 -12.95
CA ASN C 26 0.95 14.26 -12.35
C ASN C 26 -0.56 14.40 -12.12
N LEU C 27 -1.22 15.20 -12.96
CA LEU C 27 -2.66 15.36 -12.82
C LEU C 27 -3.36 14.03 -13.11
N GLY C 28 -2.77 13.25 -14.01
CA GLY C 28 -3.27 11.92 -14.31
C GLY C 28 -3.07 10.94 -13.18
N ASP C 29 -2.19 11.30 -12.25
CA ASP C 29 -1.95 10.50 -11.06
C ASP C 29 -2.93 10.90 -9.95
N LYS C 30 -3.57 12.06 -10.11
CA LYS C 30 -4.51 12.56 -9.12
C LYS C 30 -5.93 12.57 -9.67
N TYR C 31 -6.87 13.00 -8.85
CA TYR C 31 -8.26 13.14 -9.29
C TYR C 31 -8.61 14.61 -9.51
N ALA C 32 -9.26 14.88 -10.63
CA ALA C 32 -9.68 16.23 -10.97
C ALA C 32 -11.15 16.47 -10.65
N ASN C 33 -11.43 17.65 -10.14
CA ASN C 33 -12.80 18.08 -9.88
C ASN C 33 -13.09 19.36 -10.65
N TRP C 34 -14.33 19.52 -11.09
CA TRP C 34 -14.74 20.68 -11.88
C TRP C 34 -15.85 21.46 -11.20
N TYR C 35 -15.73 22.78 -11.18
CA TYR C 35 -16.72 23.63 -10.54
C TYR C 35 -17.26 24.68 -11.50
N GLN C 36 -18.56 24.91 -11.44
CA GLN C 36 -19.20 25.95 -12.24
C GLN C 36 -19.58 27.13 -11.36
N GLN C 37 -19.17 28.33 -11.76
CA GLN C 37 -19.54 29.53 -11.02
C GLN C 37 -20.16 30.58 -11.93
N LYS C 38 -21.44 30.84 -11.70
CA LYS C 38 -22.13 31.91 -12.40
C LYS C 38 -21.95 33.21 -11.63
N PRO C 39 -22.08 34.37 -12.29
CA PRO C 39 -21.79 35.66 -11.65
C PRO C 39 -22.60 35.89 -10.37
N GLY C 40 -21.91 36.27 -9.31
CA GLY C 40 -22.54 36.57 -8.03
C GLY C 40 -22.90 35.34 -7.22
N GLN C 41 -22.70 34.16 -7.80
CA GLN C 41 -23.05 32.92 -7.13
C GLN C 41 -21.83 32.19 -6.57
N ALA C 42 -22.08 31.23 -5.71
CA ALA C 42 -21.03 30.34 -5.22
C ALA C 42 -20.74 29.26 -6.25
N PRO C 43 -19.51 28.72 -6.24
CA PRO C 43 -19.16 27.60 -7.13
C PRO C 43 -20.06 26.39 -6.92
N VAL C 44 -20.30 25.63 -7.98
CA VAL C 44 -21.07 24.39 -7.87
C VAL C 44 -20.29 23.23 -8.47
N LEU C 45 -20.19 22.13 -7.75
CA LEU C 45 -19.51 20.94 -8.26
C LEU C 45 -20.31 20.30 -9.38
N VAL C 46 -19.69 20.13 -10.55
CA VAL C 46 -20.38 19.48 -11.66
C VAL C 46 -19.76 18.12 -12.02
N ILE C 47 -18.46 17.97 -11.74
CA ILE C 47 -17.75 16.71 -11.99
C ILE C 47 -16.71 16.47 -10.90
N TYR C 48 -16.69 15.27 -10.33
CA TYR C 48 -15.68 14.92 -9.34
C TYR C 48 -15.04 13.57 -9.64
N ASP C 49 -13.84 13.34 -9.10
CA ASP C 49 -13.09 12.10 -9.33
C ASP C 49 -12.96 11.81 -10.83
N ASP C 50 -12.55 12.83 -11.58
CA ASP C 50 -12.35 12.78 -13.03
C ASP C 50 -13.64 12.63 -13.86
N ILE C 51 -14.48 11.66 -13.51
CA ILE C 51 -15.59 11.28 -14.38
C ILE C 51 -16.97 11.30 -13.72
N ASP C 52 -17.02 11.34 -12.40
CA ASP C 52 -18.29 11.18 -11.68
C ASP C 52 -19.12 12.45 -11.64
N ARG C 53 -20.43 12.28 -11.73
CA ARG C 53 -21.36 13.39 -11.80
C ARG C 53 -22.31 13.37 -10.61
N PRO C 54 -22.32 14.47 -9.83
CA PRO C 54 -23.22 14.57 -8.67
C PRO C 54 -24.68 14.53 -9.10
N SER C 55 -25.55 14.07 -8.21
CA SER C 55 -26.98 14.03 -8.48
C SER C 55 -27.53 15.45 -8.64
N GLY C 56 -28.30 15.66 -9.70
CA GLY C 56 -28.87 16.96 -9.98
C GLY C 56 -28.18 17.65 -11.15
N ILE C 57 -26.98 17.19 -11.46
CA ILE C 57 -26.21 17.76 -12.57
C ILE C 57 -26.61 17.07 -13.89
N PRO C 58 -26.97 17.86 -14.91
CA PRO C 58 -27.38 17.36 -16.23
C PRO C 58 -26.37 16.39 -16.84
N GLU C 59 -26.86 15.39 -17.57
CA GLU C 59 -26.01 14.36 -18.14
C GLU C 59 -25.11 14.88 -19.25
N ARG C 60 -25.40 16.08 -19.76
CA ARG C 60 -24.59 16.65 -20.82
C ARG C 60 -23.21 17.08 -20.31
N PHE C 61 -23.03 17.03 -18.99
CA PHE C 61 -21.73 17.30 -18.37
C PHE C 61 -20.96 15.98 -18.18
N SER C 62 -19.77 15.90 -18.77
CA SER C 62 -18.92 14.73 -18.56
C SER C 62 -17.47 15.14 -18.36
N GLY C 63 -16.68 14.25 -17.80
CA GLY C 63 -15.28 14.55 -17.55
C GLY C 63 -14.35 13.39 -17.87
N SER C 64 -13.08 13.72 -18.12
CA SER C 64 -12.05 12.72 -18.36
C SER C 64 -10.70 13.21 -17.86
N ASN C 65 -9.80 12.28 -17.57
CA ASN C 65 -8.44 12.61 -17.17
C ASN C 65 -7.43 11.72 -17.87
N SER C 66 -7.01 12.14 -19.06
CA SER C 66 -6.03 11.42 -19.86
C SER C 66 -4.71 12.17 -19.90
N GLY C 67 -3.65 11.49 -19.48
CA GLY C 67 -2.34 12.09 -19.40
C GLY C 67 -2.36 13.26 -18.42
N ASN C 68 -1.46 14.22 -18.64
CA ASN C 68 -1.37 15.35 -17.71
C ASN C 68 -2.47 16.38 -17.91
N THR C 69 -3.63 15.94 -18.39
CA THR C 69 -4.72 16.86 -18.74
C THR C 69 -6.08 16.28 -18.35
N ALA C 70 -6.82 17.03 -17.56
CA ALA C 70 -8.21 16.71 -17.29
C ALA C 70 -9.07 17.59 -18.19
N THR C 71 -10.20 17.07 -18.62
CA THR C 71 -11.06 17.80 -19.55
C THR C 71 -12.52 17.75 -19.13
N LEU C 72 -13.13 18.93 -19.05
CA LEU C 72 -14.56 19.04 -18.84
C LEU C 72 -15.27 19.17 -20.18
N THR C 73 -16.25 18.32 -20.43
CA THR C 73 -16.96 18.33 -21.70
C THR C 73 -18.44 18.63 -21.50
N ILE C 74 -18.95 19.60 -22.24
CA ILE C 74 -20.38 19.92 -22.23
C ILE C 74 -20.97 19.70 -23.61
N SER C 75 -21.84 18.71 -23.75
CA SER C 75 -22.50 18.46 -25.01
C SER C 75 -23.80 19.24 -25.09
N GLY C 76 -24.18 19.64 -26.31
CA GLY C 76 -25.39 20.42 -26.52
C GLY C 76 -25.44 21.67 -25.66
N THR C 77 -24.35 22.44 -25.71
CA THR C 77 -24.19 23.60 -24.83
C THR C 77 -25.30 24.62 -25.01
N GLN C 78 -25.85 25.08 -23.89
CA GLN C 78 -26.93 26.07 -23.91
C GLN C 78 -26.45 27.38 -23.32
N ALA C 79 -27.21 28.45 -23.57
CA ALA C 79 -26.86 29.78 -23.08
C ALA C 79 -26.73 29.79 -21.56
N GLU C 80 -27.53 28.98 -20.88
CA GLU C 80 -27.51 28.88 -19.43
C GLU C 80 -26.19 28.32 -18.91
N ASP C 81 -25.39 27.74 -19.78
CA ASP C 81 -24.11 27.15 -19.38
C ASP C 81 -22.99 28.18 -19.33
N GLU C 82 -23.28 29.41 -19.73
CA GLU C 82 -22.30 30.49 -19.62
C GLU C 82 -21.94 30.73 -18.16
N ALA C 83 -20.64 30.64 -17.86
CA ALA C 83 -20.13 30.75 -16.50
C ALA C 83 -18.62 30.64 -16.49
N ASP C 84 -18.03 30.75 -15.31
CA ASP C 84 -16.62 30.43 -15.14
C ASP C 84 -16.50 28.98 -14.68
N TYR C 85 -15.53 28.27 -15.23
CA TYR C 85 -15.31 26.88 -14.84
C TYR C 85 -13.92 26.70 -14.27
N TYR C 86 -13.85 26.08 -13.09
CA TYR C 86 -12.59 25.85 -12.41
C TYR C 86 -12.31 24.36 -12.25
N CYS C 87 -11.08 23.96 -12.50
CA CYS C 87 -10.65 22.62 -12.14
C CYS C 87 -9.95 22.69 -10.79
N GLY C 88 -10.08 21.61 -10.01
CA GLY C 88 -9.44 21.52 -8.72
C GLY C 88 -8.99 20.11 -8.44
N SER C 89 -7.95 19.97 -7.62
CA SER C 89 -7.39 18.65 -7.32
C SER C 89 -6.69 18.66 -5.98
N TYR C 90 -6.82 17.56 -5.25
CA TYR C 90 -6.17 17.42 -3.95
C TYR C 90 -4.81 16.74 -4.11
N ASP C 91 -3.77 17.39 -3.59
CA ASP C 91 -2.42 16.83 -3.62
C ASP C 91 -2.08 16.28 -2.25
N PHE C 92 -2.08 14.95 -2.12
CA PHE C 92 -1.89 14.31 -0.82
C PHE C 92 -0.53 14.61 -0.22
N PHE C 93 0.52 14.50 -1.03
CA PHE C 93 1.88 14.65 -0.52
C PHE C 93 2.17 16.10 -0.13
N LEU C 94 1.51 17.04 -0.79
CA LEU C 94 1.65 18.44 -0.45
C LEU C 94 0.66 18.84 0.65
N GLY C 95 -0.39 18.04 0.81
CA GLY C 95 -1.44 18.32 1.77
C GLY C 95 -2.18 19.59 1.42
N MET C 96 -2.41 19.80 0.12
CA MET C 96 -3.04 21.02 -0.36
C MET C 96 -4.06 20.73 -1.46
N ILE C 97 -5.01 21.65 -1.62
CA ILE C 97 -5.91 21.63 -2.76
C ILE C 97 -5.49 22.72 -3.74
N VAL C 98 -5.35 22.34 -5.00
CA VAL C 98 -4.90 23.28 -6.02
C VAL C 98 -6.03 23.55 -7.03
N PHE C 99 -6.18 24.82 -7.42
CA PHE C 99 -7.17 25.21 -8.43
C PHE C 99 -6.48 25.68 -9.70
N GLY C 100 -7.15 25.50 -10.83
CA GLY C 100 -6.75 26.16 -12.06
C GLY C 100 -7.15 27.62 -12.01
N GLY C 101 -6.69 28.41 -12.98
CA GLY C 101 -6.98 29.83 -13.01
C GLY C 101 -8.40 30.17 -13.41
N GLY C 102 -9.11 29.18 -13.96
CA GLY C 102 -10.49 29.38 -14.37
C GLY C 102 -10.64 29.63 -15.86
N THR C 103 -11.82 29.27 -16.37
CA THR C 103 -12.13 29.46 -17.79
C THR C 103 -13.52 30.05 -17.96
N LYS C 104 -13.60 31.18 -18.66
CA LYS C 104 -14.90 31.78 -18.96
C LYS C 104 -15.48 31.20 -20.24
N LEU C 105 -16.64 30.58 -20.12
CA LEU C 105 -17.32 29.99 -21.27
C LEU C 105 -18.31 30.97 -21.89
N THR C 106 -18.15 31.21 -23.19
CA THR C 106 -19.05 32.09 -23.93
C THR C 106 -19.85 31.28 -24.95
N VAL C 107 -21.17 31.46 -24.95
CA VAL C 107 -22.03 30.85 -25.96
C VAL C 107 -22.29 31.84 -27.09
N LEU C 108 -21.97 31.43 -28.30
CA LEU C 108 -22.08 32.30 -29.47
C LEU C 108 -23.52 32.46 -29.96
N GLY C 109 -23.72 33.36 -30.91
CA GLY C 109 -24.99 33.51 -31.58
C GLY C 109 -26.08 34.21 -30.79
N GLN C 110 -25.72 34.82 -29.67
CA GLN C 110 -26.69 35.54 -28.87
C GLN C 110 -27.03 36.86 -29.56
N PRO C 111 -28.34 37.14 -29.69
CA PRO C 111 -28.85 38.32 -30.41
C PRO C 111 -28.34 39.63 -29.84
N LYS C 112 -28.07 40.60 -30.73
CA LYS C 112 -27.75 41.95 -30.31
C LYS C 112 -28.94 42.55 -29.56
N ALA C 113 -28.68 43.23 -28.45
CA ALA C 113 -29.75 43.81 -27.65
C ALA C 113 -29.41 45.24 -27.25
N ALA C 114 -30.27 46.18 -27.64
CA ALA C 114 -30.10 47.58 -27.28
C ALA C 114 -30.32 47.77 -25.78
N PRO C 115 -29.57 48.69 -25.16
CA PRO C 115 -29.70 48.92 -23.72
C PRO C 115 -31.02 49.58 -23.33
N SER C 116 -31.59 49.14 -22.23
CA SER C 116 -32.71 49.85 -21.61
C SER C 116 -32.14 50.91 -20.67
N VAL C 117 -32.50 52.17 -20.89
CA VAL C 117 -31.93 53.26 -20.12
C VAL C 117 -32.96 53.99 -19.27
N THR C 118 -32.64 54.17 -18.00
CA THR C 118 -33.48 54.94 -17.10
C THR C 118 -32.65 56.00 -16.38
N LEU C 119 -33.11 57.24 -16.45
CA LEU C 119 -32.38 58.35 -15.83
C LEU C 119 -33.22 59.01 -14.76
N PHE C 120 -32.68 59.06 -13.54
CA PHE C 120 -33.34 59.72 -12.43
C PHE C 120 -32.68 61.06 -12.11
N PRO C 121 -33.49 62.08 -11.82
CA PRO C 121 -32.99 63.37 -11.34
C PRO C 121 -32.68 63.29 -9.85
N PRO C 122 -31.99 64.30 -9.30
CA PRO C 122 -31.80 64.32 -7.84
C PRO C 122 -33.13 64.36 -7.12
N SER C 123 -33.27 63.57 -6.05
CA SER C 123 -34.50 63.56 -5.27
C SER C 123 -34.62 64.83 -4.45
N SER C 124 -35.84 65.16 -4.05
CA SER C 124 -36.04 66.33 -3.20
C SER C 124 -35.34 66.13 -1.85
N GLU C 125 -35.24 64.88 -1.41
CA GLU C 125 -34.54 64.59 -0.16
C GLU C 125 -33.05 64.94 -0.25
N GLU C 126 -32.40 64.53 -1.34
CA GLU C 126 -30.98 64.81 -1.50
C GLU C 126 -30.71 66.31 -1.64
N LEU C 127 -31.62 67.01 -2.33
CA LEU C 127 -31.49 68.45 -2.52
C LEU C 127 -31.62 69.21 -1.19
N GLN C 128 -32.50 68.73 -0.31
CA GLN C 128 -32.64 69.31 1.02
C GLN C 128 -31.38 69.10 1.85
N ALA C 129 -30.61 68.08 1.51
CA ALA C 129 -29.34 67.82 2.18
C ALA C 129 -28.22 68.57 1.46
N ASN C 130 -28.62 69.47 0.56
CA ASN C 130 -27.70 70.30 -0.21
C ASN C 130 -26.78 69.51 -1.13
N LYS C 131 -27.27 68.38 -1.64
CA LYS C 131 -26.52 67.56 -2.59
C LYS C 131 -27.37 67.26 -3.81
N ALA C 132 -26.75 66.69 -4.84
CA ALA C 132 -27.47 66.34 -6.05
C ALA C 132 -26.73 65.28 -6.85
N THR C 133 -27.44 64.20 -7.18
CA THR C 133 -26.87 63.12 -7.98
C THR C 133 -27.81 62.74 -9.11
N LEU C 134 -27.27 62.71 -10.33
CA LEU C 134 -27.99 62.17 -11.47
C LEU C 134 -27.63 60.70 -11.63
N VAL C 135 -28.66 59.85 -11.72
CA VAL C 135 -28.44 58.41 -11.80
C VAL C 135 -28.94 57.84 -13.12
N CYS C 136 -28.00 57.35 -13.93
CA CYS C 136 -28.35 56.74 -15.22
C CYS C 136 -28.17 55.23 -15.18
N LEU C 137 -29.27 54.50 -15.23
CA LEU C 137 -29.24 53.04 -15.13
C LEU C 137 -29.37 52.37 -16.49
N ILE C 138 -28.42 51.50 -16.79
CA ILE C 138 -28.30 50.87 -18.11
C ILE C 138 -28.34 49.35 -17.99
N SER C 139 -29.29 48.71 -18.67
CA SER C 139 -29.47 47.27 -18.50
C SER C 139 -29.87 46.53 -19.79
N ASP C 140 -29.72 45.22 -19.74
CA ASP C 140 -30.18 44.32 -20.80
C ASP C 140 -29.57 44.60 -22.16
N PHE C 141 -28.29 44.96 -22.20
CA PHE C 141 -27.65 45.11 -23.49
C PHE C 141 -26.68 43.96 -23.78
N TYR C 142 -26.54 43.65 -25.06
CA TYR C 142 -25.60 42.63 -25.52
C TYR C 142 -25.09 43.02 -26.91
N PRO C 143 -23.76 42.93 -27.12
CA PRO C 143 -22.71 42.48 -26.20
C PRO C 143 -22.44 43.46 -25.05
N GLY C 144 -21.54 43.08 -24.16
CA GLY C 144 -21.32 43.84 -22.93
C GLY C 144 -20.32 44.98 -23.01
N ALA C 145 -20.55 45.89 -23.94
CA ALA C 145 -19.73 47.09 -24.07
C ALA C 145 -20.60 48.30 -24.36
N VAL C 146 -20.34 49.39 -23.65
CA VAL C 146 -21.17 50.57 -23.77
C VAL C 146 -20.36 51.83 -23.43
N THR C 147 -20.71 52.95 -24.04
CA THR C 147 -20.11 54.24 -23.66
C THR C 147 -21.22 55.22 -23.30
N VAL C 148 -20.95 56.06 -22.31
CA VAL C 148 -21.95 57.01 -21.84
C VAL C 148 -21.42 58.44 -21.87
N ALA C 149 -22.22 59.34 -22.44
CA ALA C 149 -21.89 60.75 -22.45
C ALA C 149 -23.01 61.55 -21.78
N TRP C 150 -22.64 62.54 -20.99
CA TRP C 150 -23.61 63.39 -20.31
C TRP C 150 -23.67 64.77 -20.94
N LYS C 151 -24.83 65.41 -20.82
CA LYS C 151 -24.95 66.78 -21.28
C LYS C 151 -25.74 67.67 -20.32
N ALA C 152 -25.21 68.85 -20.05
CA ALA C 152 -25.92 69.89 -19.34
C ALA C 152 -26.58 70.80 -20.36
N ASP C 153 -27.91 70.77 -20.40
CA ASP C 153 -28.68 71.30 -21.53
C ASP C 153 -28.24 70.56 -22.79
N SER C 154 -27.45 71.20 -23.64
CA SER C 154 -26.90 70.49 -24.79
C SER C 154 -25.37 70.57 -24.83
N SER C 155 -24.77 70.91 -23.70
CA SER C 155 -23.31 71.01 -23.59
C SER C 155 -22.70 69.76 -22.97
N PRO C 156 -21.73 69.15 -23.66
CA PRO C 156 -21.02 67.97 -23.15
C PRO C 156 -20.32 68.25 -21.82
N VAL C 157 -20.51 67.34 -20.86
CA VAL C 157 -19.91 67.48 -19.55
C VAL C 157 -19.25 66.18 -19.11
N LYS C 158 -18.06 66.27 -18.52
CA LYS C 158 -17.38 65.08 -18.00
C LYS C 158 -17.07 65.19 -16.50
N ALA C 159 -17.03 66.41 -15.98
CA ALA C 159 -16.74 66.61 -14.56
C ALA C 159 -17.86 66.06 -13.68
N GLY C 160 -17.50 65.24 -12.71
CA GLY C 160 -18.47 64.69 -11.78
C GLY C 160 -19.07 63.37 -12.26
N VAL C 161 -18.64 62.93 -13.43
CA VAL C 161 -19.16 61.69 -14.01
C VAL C 161 -18.37 60.48 -13.54
N GLU C 162 -19.07 59.48 -13.01
CA GLU C 162 -18.45 58.21 -12.66
C GLU C 162 -19.29 57.05 -13.16
N THR C 163 -18.68 56.20 -13.98
CA THR C 163 -19.37 55.12 -14.64
C THR C 163 -18.77 53.77 -14.28
N THR C 164 -19.63 52.79 -14.01
CA THR C 164 -19.17 51.44 -13.68
C THR C 164 -18.73 50.68 -14.92
N THR C 165 -18.01 49.58 -14.69
CA THR C 165 -17.74 48.61 -15.74
C THR C 165 -19.02 47.86 -16.09
N PRO C 166 -19.06 47.25 -17.27
CA PRO C 166 -20.21 46.38 -17.58
C PRO C 166 -20.16 45.11 -16.75
N SER C 167 -21.31 44.67 -16.25
CA SER C 167 -21.40 43.43 -15.49
C SER C 167 -22.42 42.49 -16.10
N LYS C 168 -22.11 41.19 -16.06
CA LYS C 168 -22.97 40.17 -16.63
C LYS C 168 -24.22 39.92 -15.78
N GLN C 169 -25.39 40.07 -16.39
CA GLN C 169 -26.65 39.80 -15.71
C GLN C 169 -26.93 38.30 -15.67
N SER C 170 -27.96 37.91 -14.91
CA SER C 170 -28.34 36.51 -14.81
C SER C 170 -28.94 35.99 -16.10
N ASN C 171 -29.48 36.89 -16.93
CA ASN C 171 -30.06 36.49 -18.21
C ASN C 171 -29.05 36.60 -19.36
N ASN C 172 -27.76 36.58 -19.00
CA ASN C 172 -26.63 36.60 -19.94
C ASN C 172 -26.42 37.94 -20.65
N LYS C 173 -27.34 38.88 -20.48
CA LYS C 173 -27.14 40.24 -20.98
C LYS C 173 -26.32 41.04 -19.96
N TYR C 174 -26.11 42.32 -20.22
CA TYR C 174 -25.20 43.11 -19.39
C TYR C 174 -25.81 44.39 -18.83
N ALA C 175 -25.23 44.85 -17.72
CA ALA C 175 -25.72 46.03 -17.02
C ALA C 175 -24.60 46.99 -16.68
N ALA C 176 -24.94 48.26 -16.54
CA ALA C 176 -23.99 49.28 -16.14
C ALA C 176 -24.74 50.48 -15.56
N SER C 177 -24.03 51.35 -14.86
CA SER C 177 -24.65 52.55 -14.31
C SER C 177 -23.67 53.71 -14.33
N SER C 178 -24.20 54.91 -14.47
CA SER C 178 -23.39 56.12 -14.52
C SER C 178 -23.96 57.19 -13.60
N TYR C 179 -23.09 57.81 -12.82
CA TYR C 179 -23.50 58.81 -11.86
C TYR C 179 -22.89 60.17 -12.18
N LEU C 180 -23.71 61.20 -12.25
CA LEU C 180 -23.21 62.56 -12.39
C LEU C 180 -23.43 63.29 -11.07
N SER C 181 -22.34 63.58 -10.37
CA SER C 181 -22.41 64.31 -9.12
C SER C 181 -22.32 65.80 -9.35
N LEU C 182 -23.26 66.57 -8.81
CA LEU C 182 -23.28 68.02 -9.02
C LEU C 182 -23.85 68.77 -7.81
N THR C 183 -23.64 70.08 -7.80
CA THR C 183 -24.20 70.93 -6.75
C THR C 183 -25.64 71.26 -7.08
N PRO C 184 -26.47 71.52 -6.06
CA PRO C 184 -27.86 71.91 -6.28
C PRO C 184 -27.99 73.14 -7.17
N GLU C 185 -27.00 74.03 -7.11
CA GLU C 185 -26.99 75.24 -7.94
C GLU C 185 -26.76 74.90 -9.41
N GLN C 186 -25.80 74.02 -9.67
CA GLN C 186 -25.54 73.56 -11.04
C GLN C 186 -26.79 72.94 -11.64
N TRP C 187 -27.46 72.11 -10.85
CA TRP C 187 -28.70 71.45 -11.26
C TRP C 187 -29.78 72.47 -11.62
N LYS C 188 -29.81 73.57 -10.87
CA LYS C 188 -30.79 74.63 -11.09
C LYS C 188 -30.40 75.58 -12.22
N SER C 189 -29.11 75.63 -12.54
CA SER C 189 -28.61 76.55 -13.57
C SER C 189 -28.88 76.05 -14.99
N HIS C 190 -29.36 74.81 -15.11
CA HIS C 190 -29.68 74.26 -16.42
C HIS C 190 -31.15 73.88 -16.54
N ARG C 191 -31.65 73.84 -17.77
CA ARG C 191 -33.06 73.53 -18.01
C ARG C 191 -33.28 72.02 -18.04
N SER C 192 -32.21 71.27 -18.31
CA SER C 192 -32.26 69.82 -18.28
C SER C 192 -30.86 69.19 -18.33
N TYR C 193 -30.79 67.92 -17.98
CA TYR C 193 -29.58 67.12 -18.17
C TYR C 193 -29.91 65.88 -18.99
N SER C 194 -28.94 65.37 -19.71
CA SER C 194 -29.17 64.18 -20.52
C SER C 194 -28.07 63.13 -20.33
N CYS C 195 -28.50 61.87 -20.31
CA CYS C 195 -27.60 60.74 -20.29
C CYS C 195 -27.69 60.00 -21.63
N GLN C 196 -26.61 60.04 -22.40
CA GLN C 196 -26.60 59.41 -23.71
C GLN C 196 -25.75 58.15 -23.71
N VAL C 197 -26.38 57.03 -24.02
CA VAL C 197 -25.71 55.74 -23.98
C VAL C 197 -25.54 55.16 -25.39
N THR C 198 -24.29 55.01 -25.81
CA THR C 198 -24.00 54.46 -27.13
C THR C 198 -23.66 52.98 -27.05
N HIS C 199 -24.34 52.18 -27.85
CA HIS C 199 -24.10 50.74 -27.87
C HIS C 199 -24.08 50.23 -29.30
N GLU C 200 -22.94 49.67 -29.71
CA GLU C 200 -22.77 49.16 -31.07
C GLU C 200 -23.15 50.19 -32.14
N GLY C 201 -22.74 51.43 -31.92
CA GLY C 201 -22.98 52.49 -32.89
C GLY C 201 -24.30 53.22 -32.75
N SER C 202 -25.25 52.61 -32.05
CA SER C 202 -26.55 53.23 -31.82
C SER C 202 -26.58 53.95 -30.47
N THR C 203 -27.39 55.00 -30.37
CA THR C 203 -27.44 55.81 -29.17
C THR C 203 -28.84 55.87 -28.56
N VAL C 204 -28.93 55.66 -27.26
CA VAL C 204 -30.17 55.84 -26.52
C VAL C 204 -29.98 56.91 -25.46
N GLU C 205 -30.84 57.92 -25.44
CA GLU C 205 -30.68 59.00 -24.47
C GLU C 205 -31.95 59.26 -23.69
N LYS C 206 -31.76 59.69 -22.44
CA LYS C 206 -32.86 60.10 -21.59
C LYS C 206 -32.57 61.49 -21.04
N THR C 207 -33.62 62.19 -20.65
CA THR C 207 -33.50 63.59 -20.24
C THR C 207 -34.40 63.84 -19.03
N VAL C 208 -33.86 64.54 -18.05
CA VAL C 208 -34.64 64.93 -16.87
C VAL C 208 -34.46 66.41 -16.61
N ALA C 209 -35.45 67.04 -15.97
CA ALA C 209 -35.41 68.47 -15.71
C ALA C 209 -35.82 68.76 -14.26
N PRO C 210 -35.37 69.90 -13.71
CA PRO C 210 -35.76 70.31 -12.37
C PRO C 210 -37.28 70.45 -12.23
N THR C 211 -37.80 70.18 -11.04
CA THR C 211 -39.24 70.21 -10.80
C THR C 211 -39.81 71.62 -10.92
N GLN D 1 -31.87 18.14 3.22
CA GLN D 1 -31.14 18.87 2.20
C GLN D 1 -29.88 19.50 2.77
N VAL D 2 -28.74 19.17 2.17
CA VAL D 2 -27.45 19.62 2.65
C VAL D 2 -27.27 21.11 2.47
N GLN D 3 -26.86 21.80 3.53
CA GLN D 3 -26.63 23.24 3.48
CA GLN D 3 -26.65 23.25 3.48
C GLN D 3 -25.43 23.67 4.31
N LEU D 4 -24.81 24.76 3.88
CA LEU D 4 -23.72 25.40 4.60
C LEU D 4 -24.00 26.91 4.64
N LEU D 5 -24.09 27.47 5.84
CA LEU D 5 -24.34 28.90 6.00
C LEU D 5 -23.24 29.56 6.83
N GLU D 6 -22.65 30.60 6.29
CA GLU D 6 -21.54 31.26 6.96
C GLU D 6 -21.93 32.55 7.68
N SER D 7 -21.20 32.84 8.75
CA SER D 7 -21.37 34.08 9.49
C SER D 7 -20.02 34.67 9.87
N GLY D 8 -20.00 35.95 10.20
CA GLY D 8 -18.83 36.56 10.80
C GLY D 8 -18.04 37.49 9.89
N GLY D 9 -18.45 37.61 8.63
CA GLY D 9 -17.76 38.47 7.69
C GLY D 9 -17.88 39.95 8.03
N GLY D 10 -17.10 40.78 7.37
CA GLY D 10 -17.18 42.22 7.59
C GLY D 10 -15.85 42.95 7.48
N LEU D 11 -15.80 44.15 8.07
CA LEU D 11 -14.64 45.02 7.99
C LEU D 11 -13.68 44.81 9.15
N VAL D 12 -12.40 44.73 8.83
CA VAL D 12 -11.36 44.52 9.84
C VAL D 12 -10.10 45.32 9.46
N GLN D 13 -9.42 45.88 10.46
CA GLN D 13 -8.19 46.61 10.22
C GLN D 13 -7.02 45.67 9.98
N PRO D 14 -6.04 46.08 9.15
CA PRO D 14 -4.82 45.29 8.97
C PRO D 14 -4.15 45.02 10.31
N GLY D 15 -3.72 43.79 10.52
CA GLY D 15 -3.12 43.39 11.79
C GLY D 15 -4.17 42.92 12.79
N GLY D 16 -5.43 43.23 12.50
CA GLY D 16 -6.52 42.85 13.39
C GLY D 16 -6.92 41.39 13.25
N SER D 17 -7.91 40.98 14.04
CA SER D 17 -8.37 39.60 14.05
C SER D 17 -9.86 39.50 13.75
N LEU D 18 -10.28 38.33 13.26
CA LEU D 18 -11.68 38.09 12.93
C LEU D 18 -11.93 36.60 12.79
N ARG D 19 -13.04 36.13 13.34
CA ARG D 19 -13.38 34.71 13.25
C ARG D 19 -14.59 34.48 12.35
N LEU D 20 -14.44 33.58 11.39
CA LEU D 20 -15.57 33.15 10.57
C LEU D 20 -16.14 31.85 11.09
N SER D 21 -17.44 31.65 10.89
CA SER D 21 -18.08 30.40 11.26
C SER D 21 -18.93 29.88 10.11
N CYS D 22 -19.04 28.56 10.02
CA CYS D 22 -19.80 27.90 8.99
C CYS D 22 -20.71 26.87 9.63
N ALA D 23 -22.02 27.10 9.57
CA ALA D 23 -22.98 26.19 10.19
C ALA D 23 -23.45 25.15 9.17
N ALA D 24 -23.33 23.88 9.53
CA ALA D 24 -23.69 22.79 8.63
C ALA D 24 -25.00 22.14 9.04
N SER D 25 -25.85 21.82 8.07
CA SER D 25 -27.11 21.17 8.37
C SER D 25 -27.51 20.19 7.27
N GLY D 26 -28.27 19.16 7.65
CA GLY D 26 -28.79 18.20 6.70
C GLY D 26 -27.88 17.01 6.47
N PHE D 27 -26.81 16.91 7.24
CA PHE D 27 -25.90 15.78 7.14
C PHE D 27 -25.09 15.61 8.42
N THR D 28 -24.39 14.48 8.55
CA THR D 28 -23.59 14.20 9.73
C THR D 28 -22.24 14.91 9.63
N PHE D 29 -22.15 16.07 10.25
CA PHE D 29 -21.00 16.97 10.13
C PHE D 29 -19.67 16.29 10.43
N SER D 30 -19.65 15.50 11.50
CA SER D 30 -18.42 14.84 11.96
C SER D 30 -17.90 13.75 11.02
N SER D 31 -18.65 13.45 9.97
CA SER D 31 -18.25 12.39 9.04
C SER D 31 -17.49 12.94 7.83
N TYR D 32 -17.31 14.26 7.78
CA TYR D 32 -16.71 14.87 6.60
C TYR D 32 -15.56 15.80 6.94
N ALA D 33 -14.57 15.83 6.06
CA ALA D 33 -13.55 16.87 6.10
C ALA D 33 -14.20 18.15 5.62
N MET D 34 -13.72 19.29 6.13
CA MET D 34 -14.25 20.59 5.75
C MET D 34 -13.13 21.52 5.35
N SER D 35 -13.45 22.53 4.54
CA SER D 35 -12.43 23.44 4.02
C SER D 35 -12.91 24.88 3.94
N TRP D 36 -11.95 25.78 3.85
CA TRP D 36 -12.22 27.17 3.51
C TRP D 36 -11.55 27.50 2.19
N VAL D 37 -12.30 28.14 1.30
CA VAL D 37 -11.80 28.61 0.02
C VAL D 37 -12.16 30.09 -0.14
N ARG D 38 -11.23 30.90 -0.61
CA ARG D 38 -11.51 32.32 -0.76
C ARG D 38 -11.39 32.76 -2.22
N GLN D 39 -11.99 33.91 -2.52
CA GLN D 39 -11.95 34.46 -3.86
C GLN D 39 -11.97 35.99 -3.81
N ALA D 40 -10.86 36.61 -4.20
CA ALA D 40 -10.80 38.05 -4.31
C ALA D 40 -11.69 38.51 -5.45
N PRO D 41 -12.27 39.72 -5.33
CA PRO D 41 -13.18 40.25 -6.35
C PRO D 41 -12.58 40.20 -7.76
N GLY D 42 -13.24 39.51 -8.67
CA GLY D 42 -12.78 39.41 -10.04
C GLY D 42 -11.65 38.42 -10.24
N LYS D 43 -11.28 37.70 -9.18
CA LYS D 43 -10.18 36.73 -9.25
C LYS D 43 -10.68 35.29 -9.21
N GLY D 44 -9.73 34.35 -9.22
CA GLY D 44 -10.06 32.94 -9.19
C GLY D 44 -10.15 32.37 -7.79
N LEU D 45 -10.42 31.07 -7.70
CA LEU D 45 -10.54 30.40 -6.42
C LEU D 45 -9.16 30.10 -5.84
N GLU D 46 -9.03 30.31 -4.53
CA GLU D 46 -7.79 29.99 -3.83
C GLU D 46 -8.09 29.23 -2.55
N TRP D 47 -7.55 28.01 -2.44
CA TRP D 47 -7.73 27.20 -1.24
C TRP D 47 -7.03 27.84 -0.05
N VAL D 48 -7.70 27.84 1.09
CA VAL D 48 -7.16 28.48 2.28
C VAL D 48 -6.70 27.46 3.30
N SER D 49 -7.59 26.52 3.64
CA SER D 49 -7.33 25.58 4.71
C SER D 49 -8.30 24.40 4.68
N THR D 50 -7.90 23.29 5.28
CA THR D 50 -8.73 22.09 5.35
C THR D 50 -8.55 21.47 6.73
N ILE D 51 -9.64 20.94 7.29
CA ILE D 51 -9.56 20.19 8.53
C ILE D 51 -10.18 18.82 8.33
N SER D 52 -9.48 17.79 8.77
CA SER D 52 -9.94 16.41 8.62
C SER D 52 -11.09 16.13 9.59
N LEU D 53 -11.80 15.04 9.34
CA LEU D 53 -12.77 14.55 10.32
C LEU D 53 -12.02 13.97 11.50
N THR D 54 -10.77 13.57 11.27
CA THR D 54 -9.92 13.02 12.32
C THR D 54 -9.22 14.13 13.08
N SER D 55 -9.39 14.14 14.40
CA SER D 55 -8.88 15.22 15.23
C SER D 55 -7.36 15.37 15.14
N GLY D 56 -6.91 16.61 15.01
CA GLY D 56 -5.49 16.91 15.02
C GLY D 56 -4.89 17.25 13.67
N PHE D 57 -5.60 16.90 12.60
CA PHE D 57 -5.06 17.11 11.26
C PHE D 57 -5.68 18.32 10.56
N THR D 58 -4.86 19.36 10.41
CA THR D 58 -5.25 20.58 9.73
C THR D 58 -4.24 20.87 8.63
N TYR D 59 -4.67 21.60 7.60
CA TYR D 59 -3.82 21.93 6.47
C TYR D 59 -4.01 23.38 6.06
N TYR D 60 -2.93 24.05 5.66
CA TYR D 60 -3.00 25.47 5.32
C TYR D 60 -2.22 25.82 4.06
N ALA D 61 -2.67 26.84 3.36
CA ALA D 61 -1.90 27.42 2.26
C ALA D 61 -0.74 28.20 2.86
N ASP D 62 0.37 28.28 2.12
CA ASP D 62 1.56 28.98 2.59
C ASP D 62 1.29 30.44 2.95
N SER D 63 0.50 31.12 2.12
CA SER D 63 0.22 32.55 2.30
C SER D 63 -0.58 32.85 3.56
N VAL D 64 -0.96 31.81 4.28
CA VAL D 64 -1.90 31.93 5.37
C VAL D 64 -1.33 31.29 6.63
N LYS D 65 -0.38 30.38 6.42
CA LYS D 65 0.24 29.60 7.49
C LYS D 65 0.79 30.47 8.61
N GLY D 66 0.43 30.14 9.84
CA GLY D 66 0.88 30.87 11.01
C GLY D 66 -0.04 32.02 11.39
N ARG D 67 -0.96 32.37 10.50
CA ARG D 67 -1.87 33.47 10.74
C ARG D 67 -3.31 33.01 10.91
N PHE D 68 -3.73 32.04 10.10
CA PHE D 68 -5.08 31.51 10.20
C PHE D 68 -5.09 30.17 10.93
N THR D 69 -6.14 29.94 11.71
CA THR D 69 -6.32 28.67 12.40
C THR D 69 -7.71 28.12 12.12
N ILE D 70 -7.76 26.94 11.52
CA ILE D 70 -9.03 26.27 11.26
C ILE D 70 -9.36 25.31 12.41
N SER D 71 -10.65 25.23 12.73
CA SER D 71 -11.11 24.37 13.82
C SER D 71 -12.59 24.05 13.61
N ARG D 72 -13.08 23.06 14.34
CA ARG D 72 -14.46 22.63 14.20
C ARG D 72 -15.04 22.24 15.55
N ASP D 73 -16.35 22.45 15.70
CA ASP D 73 -17.08 22.01 16.87
C ASP D 73 -18.20 21.09 16.41
N ASN D 74 -17.93 19.78 16.42
CA ASN D 74 -18.87 18.81 15.88
C ASN D 74 -20.21 18.80 16.63
N SER D 75 -20.17 19.11 17.93
CA SER D 75 -21.39 19.11 18.73
C SER D 75 -22.34 20.24 18.29
N LYS D 76 -21.79 21.25 17.62
CA LYS D 76 -22.58 22.37 17.13
C LYS D 76 -22.66 22.41 15.61
N ASN D 77 -22.12 21.38 14.95
CA ASN D 77 -22.11 21.32 13.49
C ASN D 77 -21.46 22.54 12.85
N THR D 78 -20.41 23.07 13.47
CA THR D 78 -19.86 24.34 13.04
C THR D 78 -18.36 24.28 12.73
N LEU D 79 -18.01 24.86 11.59
CA LEU D 79 -16.61 25.03 11.19
C LEU D 79 -16.16 26.46 11.45
N TYR D 80 -14.94 26.63 11.96
CA TYR D 80 -14.40 27.96 12.24
C TYR D 80 -13.14 28.26 11.46
N LEU D 81 -12.93 29.54 11.16
CA LEU D 81 -11.66 30.02 10.65
C LEU D 81 -11.23 31.25 11.44
N GLN D 82 -10.25 31.08 12.31
CA GLN D 82 -9.74 32.20 13.09
C GLN D 82 -8.65 32.91 12.30
N MET D 83 -8.92 34.16 11.92
CA MET D 83 -7.98 34.92 11.10
C MET D 83 -7.30 36.02 11.92
N ASN D 84 -6.00 35.84 12.17
CA ASN D 84 -5.19 36.83 12.87
C ASN D 84 -4.18 37.48 11.94
N SER D 85 -3.64 38.62 12.37
CA SER D 85 -2.62 39.34 11.61
C SER D 85 -3.06 39.57 10.17
N LEU D 86 -4.30 40.02 10.00
CA LEU D 86 -4.91 40.14 8.68
C LEU D 86 -4.21 41.19 7.81
N ARG D 87 -4.04 40.85 6.54
CA ARG D 87 -3.42 41.74 5.57
C ARG D 87 -4.41 42.13 4.48
N ALA D 88 -4.07 43.18 3.73
CA ALA D 88 -4.92 43.67 2.65
C ALA D 88 -5.17 42.60 1.61
N GLU D 89 -4.20 41.71 1.43
CA GLU D 89 -4.32 40.64 0.44
C GLU D 89 -5.33 39.58 0.86
N ASP D 90 -5.77 39.64 2.12
CA ASP D 90 -6.72 38.65 2.64
C ASP D 90 -8.15 39.05 2.29
N THR D 91 -8.32 40.27 1.79
CA THR D 91 -9.63 40.76 1.37
C THR D 91 -10.20 39.87 0.27
N ALA D 92 -11.35 39.24 0.57
CA ALA D 92 -11.96 38.29 -0.36
C ALA D 92 -13.32 37.81 0.16
N VAL D 93 -14.05 37.13 -0.72
CA VAL D 93 -15.20 36.35 -0.30
C VAL D 93 -14.70 34.99 0.17
N TYR D 94 -15.08 34.61 1.38
CA TYR D 94 -14.65 33.34 1.96
C TYR D 94 -15.77 32.33 1.93
N TYR D 95 -15.50 31.17 1.32
CA TYR D 95 -16.47 30.07 1.27
C TYR D 95 -16.04 28.92 2.16
N CYS D 96 -17.00 28.31 2.83
CA CYS D 96 -16.74 27.00 3.43
C CYS D 96 -17.25 25.93 2.46
N ALA D 97 -16.63 24.76 2.48
CA ALA D 97 -17.01 23.67 1.60
C ALA D 97 -16.74 22.30 2.24
N ARG D 98 -17.53 21.31 1.85
CA ARG D 98 -17.46 19.97 2.43
C ARG D 98 -16.70 18.99 1.53
N GLN D 99 -15.86 18.16 2.17
CA GLN D 99 -15.08 17.09 1.52
C GLN D 99 -13.93 17.62 0.67
N LEU D 100 -13.03 16.72 0.29
CA LEU D 100 -11.91 17.10 -0.57
C LEU D 100 -12.41 17.41 -1.99
N THR D 101 -13.61 16.92 -2.33
CA THR D 101 -14.21 17.22 -3.62
C THR D 101 -14.96 18.55 -3.63
N LEU D 102 -15.10 19.15 -2.45
CA LEU D 102 -15.83 20.43 -2.33
C LEU D 102 -17.23 20.28 -2.94
N ASP D 103 -18.01 19.35 -2.43
CA ASP D 103 -19.26 18.97 -3.12
C ASP D 103 -20.46 19.79 -2.67
N VAL D 104 -20.28 20.59 -1.62
CA VAL D 104 -21.29 21.56 -1.23
C VAL D 104 -20.60 22.79 -0.66
N TRP D 105 -21.09 23.97 -1.05
CA TRP D 105 -20.48 25.24 -0.70
C TRP D 105 -21.41 26.14 0.11
N GLY D 106 -20.82 26.97 0.98
CA GLY D 106 -21.58 27.98 1.67
C GLY D 106 -21.94 29.12 0.73
N GLN D 107 -22.69 30.09 1.22
CA GLN D 107 -23.10 31.22 0.38
C GLN D 107 -21.98 32.24 0.25
N GLY D 108 -20.94 32.08 1.06
CA GLY D 108 -19.80 32.99 1.03
C GLY D 108 -20.03 34.23 1.88
N THR D 109 -18.94 34.79 2.41
CA THR D 109 -19.05 36.00 3.20
C THR D 109 -17.83 36.90 2.96
N LEU D 110 -18.08 38.18 2.71
CA LEU D 110 -17.00 39.08 2.33
C LEU D 110 -16.21 39.57 3.53
N VAL D 111 -14.90 39.43 3.45
CA VAL D 111 -13.98 39.97 4.43
C VAL D 111 -13.19 41.10 3.80
N THR D 112 -13.28 42.29 4.40
CA THR D 112 -12.57 43.46 3.87
C THR D 112 -11.55 43.95 4.88
N VAL D 113 -10.29 43.92 4.49
CA VAL D 113 -9.20 44.40 5.34
C VAL D 113 -8.79 45.79 4.93
N SER D 114 -9.01 46.75 5.82
CA SER D 114 -8.76 48.16 5.52
C SER D 114 -8.60 48.95 6.80
N SER D 115 -7.80 50.01 6.74
CA SER D 115 -7.57 50.84 7.92
C SER D 115 -8.63 51.93 8.04
N ALA D 116 -9.47 52.06 7.03
CA ALA D 116 -10.56 53.04 7.06
C ALA D 116 -11.76 52.51 7.84
N SER D 117 -12.39 53.39 8.60
CA SER D 117 -13.59 53.04 9.36
C SER D 117 -14.79 52.87 8.43
N THR D 118 -15.79 52.12 8.87
CA THR D 118 -16.98 51.90 8.07
C THR D 118 -17.83 53.18 8.02
N LYS D 119 -18.50 53.39 6.89
CA LYS D 119 -19.45 54.48 6.76
C LYS D 119 -20.80 53.95 6.27
N GLY D 120 -21.86 54.29 7.00
CA GLY D 120 -23.20 53.95 6.57
C GLY D 120 -23.63 54.87 5.45
N PRO D 121 -24.49 54.36 4.56
CA PRO D 121 -24.95 55.11 3.40
C PRO D 121 -26.10 56.07 3.70
N SER D 122 -26.28 57.06 2.84
CA SER D 122 -27.51 57.82 2.81
C SER D 122 -28.44 57.15 1.81
N VAL D 123 -29.73 57.11 2.11
CA VAL D 123 -30.69 56.47 1.22
C VAL D 123 -31.72 57.46 0.71
N PHE D 124 -31.85 57.53 -0.61
CA PHE D 124 -32.78 58.45 -1.25
C PHE D 124 -33.76 57.72 -2.16
N PRO D 125 -35.02 58.13 -2.14
CA PRO D 125 -36.01 57.55 -3.05
C PRO D 125 -35.83 58.08 -4.47
N LEU D 126 -36.00 57.20 -5.45
CA LEU D 126 -35.99 57.58 -6.86
C LEU D 126 -37.42 57.51 -7.39
N ALA D 127 -38.12 58.64 -7.35
CA ALA D 127 -39.55 58.68 -7.64
C ALA D 127 -39.89 58.35 -9.09
N PRO D 128 -41.02 57.66 -9.30
CA PRO D 128 -41.49 57.30 -10.65
C PRO D 128 -41.83 58.53 -11.49
N SER D 129 -41.60 58.44 -12.80
CA SER D 129 -41.90 59.52 -13.74
C SER D 129 -41.18 60.81 -13.37
N GLY D 136 -47.34 50.89 -20.66
CA GLY D 136 -47.86 51.38 -19.40
C GLY D 136 -47.04 50.91 -18.22
N THR D 137 -45.73 51.12 -18.30
CA THR D 137 -44.82 50.68 -17.25
C THR D 137 -44.10 51.87 -16.61
N ALA D 138 -43.76 51.72 -15.33
CA ALA D 138 -43.07 52.79 -14.60
C ALA D 138 -41.83 52.26 -13.89
N ALA D 139 -40.79 53.07 -13.83
CA ALA D 139 -39.59 52.69 -13.10
C ALA D 139 -39.42 53.56 -11.86
N LEU D 140 -39.19 52.91 -10.72
CA LEU D 140 -38.91 53.61 -9.48
C LEU D 140 -37.76 52.92 -8.79
N GLY D 141 -37.10 53.62 -7.88
CA GLY D 141 -35.95 53.02 -7.21
C GLY D 141 -35.47 53.65 -5.92
N CYS D 142 -34.32 53.17 -5.46
CA CYS D 142 -33.66 53.72 -4.30
C CYS D 142 -32.18 53.92 -4.58
N LEU D 143 -31.68 55.09 -4.20
CA LEU D 143 -30.27 55.40 -4.32
C LEU D 143 -29.59 55.16 -2.97
N VAL D 144 -28.56 54.33 -2.96
CA VAL D 144 -27.80 54.05 -1.76
C VAL D 144 -26.42 54.70 -1.90
N LYS D 145 -26.24 55.84 -1.25
CA LYS D 145 -25.12 56.73 -1.53
C LYS D 145 -24.02 56.75 -0.48
N ASP D 146 -22.78 56.61 -0.94
CA ASP D 146 -21.59 56.82 -0.12
C ASP D 146 -21.49 55.90 1.11
N TYR D 147 -21.19 54.63 0.88
CA TYR D 147 -20.96 53.71 1.98
C TYR D 147 -19.61 53.00 1.85
N PHE D 148 -19.16 52.40 2.95
CA PHE D 148 -17.93 51.61 2.95
C PHE D 148 -17.93 50.67 4.14
N PRO D 149 -17.58 49.39 3.90
CA PRO D 149 -17.30 48.83 2.57
C PRO D 149 -18.51 48.13 1.97
N GLU D 150 -18.26 47.29 0.98
CA GLU D 150 -19.26 46.34 0.49
C GLU D 150 -19.51 45.31 1.59
N PRO D 151 -20.68 44.64 1.56
CA PRO D 151 -21.77 44.75 0.60
C PRO D 151 -22.99 45.52 1.12
N VAL D 152 -23.87 45.86 0.20
CA VAL D 152 -25.19 46.38 0.52
C VAL D 152 -26.24 45.51 -0.15
N THR D 153 -27.29 45.17 0.59
CA THR D 153 -28.43 44.45 0.02
C THR D 153 -29.66 45.35 -0.01
N VAL D 154 -30.43 45.24 -1.08
CA VAL D 154 -31.70 45.94 -1.19
C VAL D 154 -32.80 44.94 -1.53
N SER D 155 -33.87 44.97 -0.76
CA SER D 155 -35.07 44.21 -1.09
C SER D 155 -36.23 45.19 -1.24
N TRP D 156 -37.36 44.71 -1.75
CA TRP D 156 -38.53 45.56 -1.93
C TRP D 156 -39.75 44.95 -1.26
N ASN D 157 -40.47 45.76 -0.50
CA ASN D 157 -41.60 45.31 0.30
C ASN D 157 -41.24 44.06 1.10
N SER D 158 -40.12 44.14 1.82
CA SER D 158 -39.63 43.07 2.68
C SER D 158 -39.38 41.78 1.93
N GLY D 159 -39.06 41.89 0.63
CA GLY D 159 -38.71 40.74 -0.17
C GLY D 159 -39.90 40.13 -0.89
N ALA D 160 -41.09 40.65 -0.63
CA ALA D 160 -42.30 40.16 -1.27
C ALA D 160 -42.35 40.54 -2.75
N LEU D 161 -41.66 41.62 -3.10
CA LEU D 161 -41.60 42.08 -4.48
C LEU D 161 -40.25 41.75 -5.10
N THR D 162 -40.23 40.84 -6.06
CA THR D 162 -38.99 40.41 -6.69
C THR D 162 -39.03 40.57 -8.21
N SER D 163 -40.22 40.48 -8.79
CA SER D 163 -40.39 40.62 -10.23
C SER D 163 -40.10 42.03 -10.71
N GLY D 164 -39.23 42.14 -11.72
CA GLY D 164 -38.89 43.43 -12.30
C GLY D 164 -37.88 44.21 -11.48
N VAL D 165 -37.32 43.55 -10.47
CA VAL D 165 -36.33 44.20 -9.59
C VAL D 165 -34.92 44.03 -10.14
N HIS D 166 -34.19 45.14 -10.20
CA HIS D 166 -32.81 45.12 -10.67
C HIS D 166 -31.93 45.99 -9.77
N THR D 167 -31.10 45.33 -8.98
CA THR D 167 -30.14 46.01 -8.12
C THR D 167 -28.78 46.00 -8.80
N PHE D 168 -28.28 47.19 -9.13
CA PHE D 168 -27.08 47.34 -9.93
C PHE D 168 -25.81 47.23 -9.09
N PRO D 169 -24.74 46.69 -9.67
CA PRO D 169 -23.44 46.70 -9.00
C PRO D 169 -23.02 48.14 -8.67
N ALA D 170 -22.30 48.30 -7.57
CA ALA D 170 -21.97 49.62 -7.05
C ALA D 170 -20.91 50.33 -7.88
N VAL D 171 -20.94 51.65 -7.87
CA VAL D 171 -19.84 52.43 -8.42
C VAL D 171 -18.87 52.75 -7.30
N LEU D 172 -17.58 52.73 -7.61
CA LEU D 172 -16.57 53.14 -6.65
C LEU D 172 -16.01 54.49 -7.05
N GLN D 173 -16.30 55.52 -6.24
CA GLN D 173 -15.85 56.86 -6.57
C GLN D 173 -14.46 57.16 -6.02
N SER D 174 -13.91 58.30 -6.45
CA SER D 174 -12.57 58.71 -6.06
C SER D 174 -12.42 58.93 -4.56
N SER D 175 -13.54 59.13 -3.89
CA SER D 175 -13.54 59.33 -2.44
C SER D 175 -13.26 58.04 -1.70
N GLY D 176 -13.34 56.92 -2.42
CA GLY D 176 -13.16 55.61 -1.82
C GLY D 176 -14.44 55.03 -1.27
N LEU D 177 -15.56 55.75 -1.48
CA LEU D 177 -16.87 55.28 -1.03
C LEU D 177 -17.65 54.64 -2.18
N TYR D 178 -18.61 53.79 -1.84
CA TYR D 178 -19.43 53.13 -2.85
C TYR D 178 -20.82 53.74 -2.95
N SER D 179 -21.42 53.67 -4.13
CA SER D 179 -22.83 53.98 -4.30
C SER D 179 -23.48 52.99 -5.27
N LEU D 180 -24.68 52.53 -4.94
CA LEU D 180 -25.45 51.70 -5.87
C LEU D 180 -26.89 52.17 -5.95
N SER D 181 -27.64 51.58 -6.87
CA SER D 181 -29.06 51.85 -7.00
C SER D 181 -29.82 50.55 -7.24
N SER D 182 -31.04 50.50 -6.74
CA SER D 182 -31.94 49.40 -7.03
C SER D 182 -33.17 49.97 -7.69
N VAL D 183 -33.63 49.34 -8.76
CA VAL D 183 -34.76 49.85 -9.50
C VAL D 183 -35.76 48.73 -9.76
N VAL D 184 -37.04 49.05 -9.68
CA VAL D 184 -38.07 48.07 -9.95
C VAL D 184 -39.05 48.63 -10.98
N THR D 185 -39.38 47.81 -11.96
CA THR D 185 -40.31 48.21 -12.99
C THR D 185 -41.68 47.64 -12.69
N VAL D 186 -42.67 48.52 -12.60
CA VAL D 186 -44.02 48.12 -12.22
C VAL D 186 -45.03 48.73 -13.19
N PRO D 187 -46.26 48.16 -13.23
CA PRO D 187 -47.32 48.81 -14.02
C PRO D 187 -47.59 50.23 -13.54
N SER D 188 -47.82 51.14 -14.49
CA SER D 188 -48.05 52.54 -14.18
C SER D 188 -49.29 52.72 -13.31
N SER D 189 -50.26 51.83 -13.50
CA SER D 189 -51.52 51.90 -12.75
C SER D 189 -51.33 51.54 -11.29
N SER D 190 -50.25 50.83 -10.97
CA SER D 190 -50.03 50.40 -9.60
C SER D 190 -49.45 51.50 -8.72
N LEU D 191 -49.07 52.62 -9.34
CA LEU D 191 -48.48 53.74 -8.60
C LEU D 191 -49.47 54.35 -7.61
N GLY D 192 -50.77 54.20 -7.89
CA GLY D 192 -51.80 54.73 -7.01
C GLY D 192 -52.54 53.66 -6.23
N THR D 193 -52.13 52.40 -6.38
CA THR D 193 -52.82 51.30 -5.72
C THR D 193 -51.88 50.45 -4.86
N GLN D 194 -50.59 50.59 -5.09
CA GLN D 194 -49.59 49.79 -4.37
C GLN D 194 -48.54 50.66 -3.71
N THR D 195 -48.17 50.29 -2.48
CA THR D 195 -47.09 50.95 -1.76
C THR D 195 -45.76 50.24 -2.05
N TYR D 196 -44.74 51.02 -2.40
CA TYR D 196 -43.42 50.47 -2.68
C TYR D 196 -42.39 50.96 -1.68
N ILE D 197 -41.76 50.01 -0.97
CA ILE D 197 -40.75 50.33 0.02
C ILE D 197 -39.49 49.54 -0.25
N CYS D 198 -38.34 50.22 -0.31
CA CYS D 198 -37.09 49.50 -0.45
C CYS D 198 -36.45 49.30 0.93
N ASN D 199 -35.92 48.11 1.16
CA ASN D 199 -35.26 47.79 2.42
C ASN D 199 -33.76 47.68 2.22
N VAL D 200 -33.03 48.66 2.72
CA VAL D 200 -31.58 48.73 2.53
C VAL D 200 -30.83 48.27 3.77
N ASN D 201 -29.87 47.38 3.57
CA ASN D 201 -29.02 46.90 4.64
C ASN D 201 -27.54 47.10 4.35
N HIS D 202 -26.86 47.78 5.26
CA HIS D 202 -25.41 47.86 5.24
C HIS D 202 -24.90 47.38 6.59
N LYS D 203 -24.71 46.07 6.70
CA LYS D 203 -24.36 45.44 7.98
C LYS D 203 -23.09 45.99 8.66
N PRO D 204 -22.01 46.25 7.89
CA PRO D 204 -20.80 46.79 8.55
C PRO D 204 -21.03 48.03 9.41
N SER D 205 -22.00 48.86 9.04
CA SER D 205 -22.29 50.07 9.80
C SER D 205 -23.59 49.96 10.59
N ASN D 206 -24.18 48.77 10.59
CA ASN D 206 -25.48 48.53 11.23
C ASN D 206 -26.54 49.49 10.71
N THR D 207 -26.46 49.81 9.42
CA THR D 207 -27.43 50.70 8.79
C THR D 207 -28.57 49.89 8.20
N LYS D 208 -29.79 50.21 8.63
CA LYS D 208 -30.99 49.54 8.16
C LYS D 208 -32.08 50.58 7.90
N VAL D 209 -32.43 50.77 6.63
CA VAL D 209 -33.38 51.80 6.25
C VAL D 209 -34.54 51.24 5.41
N ASP D 210 -35.76 51.57 5.81
CA ASP D 210 -36.95 51.28 5.02
C ASP D 210 -37.47 52.56 4.38
N LYS D 211 -37.23 52.72 3.09
CA LYS D 211 -37.58 53.96 2.41
C LYS D 211 -38.81 53.81 1.51
N LYS D 212 -39.85 54.58 1.81
CA LYS D 212 -41.05 54.61 0.98
C LYS D 212 -40.79 55.42 -0.28
N VAL D 213 -41.06 54.84 -1.44
CA VAL D 213 -40.86 55.53 -2.71
C VAL D 213 -42.20 55.92 -3.33
N GLU D 214 -42.48 57.22 -3.36
CA GLU D 214 -43.77 57.74 -3.80
C GLU D 214 -43.67 58.47 -5.15
N PRO D 215 -44.78 58.51 -5.92
CA PRO D 215 -44.84 59.20 -7.21
C PRO D 215 -44.40 60.67 -7.16
N LYS D 216 -44.32 61.28 -8.34
CA LYS D 216 -43.76 62.63 -8.54
C LYS D 216 -42.26 62.62 -8.32
N CYS E 10 19.58 3.98 -12.45
CA CYS E 10 18.51 4.57 -11.65
C CYS E 10 17.29 4.91 -12.50
N PRO E 11 16.09 4.66 -11.96
CA PRO E 11 14.83 5.01 -12.64
C PRO E 11 14.78 6.50 -12.93
N ASN E 12 15.01 6.87 -14.18
CA ASN E 12 15.05 8.26 -14.59
C ASN E 12 13.70 8.94 -14.40
N SER E 13 12.64 8.12 -14.41
CA SER E 13 11.28 8.59 -14.20
C SER E 13 11.12 9.29 -12.85
N GLU E 14 11.94 8.90 -11.89
CA GLU E 14 11.88 9.48 -10.54
C GLU E 14 12.11 10.99 -10.55
N ASP E 15 12.87 11.47 -11.52
CA ASP E 15 13.10 12.91 -11.70
C ASP E 15 11.81 13.69 -11.91
N LYS E 16 10.81 13.04 -12.51
CA LYS E 16 9.57 13.69 -12.87
C LYS E 16 8.50 13.53 -11.79
N ASN E 17 8.89 12.98 -10.65
CA ASN E 17 7.97 12.80 -9.55
C ASN E 17 8.01 13.99 -8.59
N PHE E 18 6.83 14.53 -8.28
CA PHE E 18 6.72 15.67 -7.37
C PHE E 18 5.82 15.29 -6.19
N PRO E 19 6.39 15.22 -4.98
CA PRO E 19 7.81 15.46 -4.66
C PRO E 19 8.70 14.25 -5.00
N ARG E 20 10.01 14.47 -5.00
CA ARG E 20 10.98 13.42 -5.31
C ARG E 20 11.00 12.32 -4.25
N THR E 21 11.06 12.72 -2.99
CA THR E 21 11.17 11.77 -1.88
C THR E 21 10.22 12.13 -0.74
N VAL E 22 9.87 11.13 0.07
CA VAL E 22 9.11 11.35 1.29
C VAL E 22 9.74 10.59 2.44
N MET E 23 9.43 11.02 3.66
CA MET E 23 9.92 10.34 4.86
C MET E 23 8.86 9.38 5.37
N VAL E 24 9.21 8.10 5.49
CA VAL E 24 8.22 7.14 5.96
C VAL E 24 8.77 6.19 7.02
N ASN E 25 7.94 5.93 8.02
CA ASN E 25 8.20 4.95 9.05
C ASN E 25 7.94 3.55 8.50
N LEU E 26 8.98 2.72 8.47
CA LEU E 26 8.88 1.40 7.87
C LEU E 26 8.29 0.36 8.82
N ASN E 27 8.05 0.78 10.07
CA ASN E 27 7.39 -0.10 11.03
C ASN E 27 5.91 -0.26 10.67
N ILE E 28 5.61 -1.31 9.92
CA ILE E 28 4.29 -1.48 9.31
C ILE E 28 3.18 -1.71 10.32
N HIS E 29 2.13 -0.90 10.21
CA HIS E 29 0.95 -1.04 11.05
C HIS E 29 -0.09 -1.90 10.34
N ASN E 30 -0.19 -3.16 10.74
CA ASN E 30 -1.09 -4.11 10.07
C ASN E 30 -2.48 -4.10 10.70
N ARG E 31 -3.43 -3.51 9.98
CA ARG E 31 -4.81 -3.42 10.47
C ARG E 31 -5.70 -4.56 9.98
N ASN E 32 -5.13 -5.45 9.18
CA ASN E 32 -5.90 -6.57 8.64
C ASN E 32 -5.82 -7.81 9.54
N THR E 33 -6.95 -8.19 10.12
CA THR E 33 -7.01 -9.36 10.99
C THR E 33 -7.41 -10.60 10.20
N ASN E 34 -7.81 -10.40 8.95
CA ASN E 34 -8.11 -11.50 8.06
C ASN E 34 -6.88 -11.85 7.23
N THR E 35 -5.96 -12.59 7.85
CA THR E 35 -4.68 -12.91 7.23
C THR E 35 -4.85 -13.82 6.02
N ASN E 36 -4.00 -13.63 5.02
CA ASN E 36 -4.08 -14.37 3.76
C ASN E 36 -5.49 -14.37 3.17
N PRO E 37 -6.06 -13.18 2.93
CA PRO E 37 -7.48 -13.07 2.57
C PRO E 37 -7.86 -13.78 1.27
N LYS E 38 -6.94 -13.89 0.32
CA LYS E 38 -7.24 -14.53 -0.96
C LYS E 38 -7.17 -16.06 -0.88
N ARG E 39 -6.24 -16.57 -0.09
CA ARG E 39 -5.98 -18.01 -0.05
C ARG E 39 -6.66 -18.73 1.13
N SER E 40 -7.28 -17.96 2.03
CA SER E 40 -7.90 -18.55 3.21
C SER E 40 -9.35 -18.97 2.96
N SER E 41 -9.97 -18.42 1.92
CA SER E 41 -11.33 -18.82 1.55
C SER E 41 -11.28 -19.75 0.35
N ASP E 42 -12.40 -20.42 0.07
CA ASP E 42 -12.45 -21.32 -1.07
C ASP E 42 -13.34 -20.77 -2.19
N TYR E 43 -13.53 -19.45 -2.21
CA TYR E 43 -14.33 -18.81 -3.25
C TYR E 43 -13.80 -19.14 -4.64
N TYR E 44 -12.48 -19.25 -4.76
CA TYR E 44 -11.85 -19.53 -6.06
C TYR E 44 -12.32 -20.86 -6.66
N ASN E 45 -12.74 -21.78 -5.79
CA ASN E 45 -13.24 -23.09 -6.21
C ASN E 45 -14.76 -23.13 -6.39
N ARG E 46 -15.48 -22.39 -5.55
CA ARG E 46 -16.94 -22.44 -5.53
C ARG E 46 -17.58 -21.45 -6.51
N SER E 47 -16.79 -20.53 -7.04
CA SER E 47 -17.32 -19.51 -7.93
C SER E 47 -17.79 -20.07 -9.26
N THR E 48 -18.82 -19.44 -9.83
CA THR E 48 -19.25 -19.77 -11.18
C THR E 48 -18.22 -19.28 -12.19
N SER E 49 -17.34 -18.41 -11.74
CA SER E 49 -16.18 -17.99 -12.52
C SER E 49 -14.92 -18.35 -11.74
N PRO E 50 -14.62 -19.65 -11.65
CA PRO E 50 -13.55 -20.11 -10.78
C PRO E 50 -12.18 -19.70 -11.30
N TRP E 51 -11.19 -19.64 -10.41
CA TRP E 51 -9.86 -19.20 -10.82
C TRP E 51 -8.77 -19.93 -10.04
N ASN E 52 -7.55 -19.88 -10.58
CA ASN E 52 -6.37 -20.36 -9.88
C ASN E 52 -5.51 -19.18 -9.48
N LEU E 53 -4.93 -19.26 -8.29
CA LEU E 53 -3.96 -18.26 -7.87
C LEU E 53 -2.56 -18.71 -8.27
N HIS E 54 -1.79 -17.79 -8.83
CA HIS E 54 -0.42 -18.07 -9.26
C HIS E 54 0.58 -17.20 -8.51
N ARG E 55 1.65 -17.82 -8.04
CA ARG E 55 2.60 -17.20 -7.14
C ARG E 55 3.71 -16.45 -7.87
N ASN E 56 4.03 -15.25 -7.39
CA ASN E 56 5.17 -14.48 -7.90
C ASN E 56 6.06 -14.00 -6.76
N GLU E 57 7.35 -14.27 -6.87
CA GLU E 57 8.30 -13.99 -5.80
C GLU E 57 9.35 -12.99 -6.29
N ASP E 58 9.57 -11.94 -5.51
CA ASP E 58 10.55 -10.91 -5.88
C ASP E 58 11.22 -10.32 -4.63
N PRO E 59 12.50 -10.64 -4.43
CA PRO E 59 13.28 -10.17 -3.28
C PRO E 59 13.41 -8.65 -3.22
N GLU E 60 13.27 -8.00 -4.37
CA GLU E 60 13.43 -6.54 -4.43
C GLU E 60 12.10 -5.82 -4.40
N ARG E 61 11.08 -6.48 -3.84
CA ARG E 61 9.74 -5.92 -3.79
C ARG E 61 9.06 -6.17 -2.44
N TYR E 62 8.26 -5.21 -1.99
CA TYR E 62 7.34 -5.46 -0.89
C TYR E 62 5.91 -5.14 -1.34
N PRO E 63 4.99 -6.11 -1.17
CA PRO E 63 5.24 -7.45 -0.64
C PRO E 63 6.07 -8.32 -1.57
N SER E 64 6.93 -9.16 -1.00
CA SER E 64 7.85 -10.00 -1.77
C SER E 64 7.12 -11.09 -2.54
N VAL E 65 6.01 -11.54 -1.99
CA VAL E 65 5.21 -12.58 -2.63
C VAL E 65 3.83 -12.05 -2.98
N ILE E 66 3.46 -12.20 -4.25
CA ILE E 66 2.14 -11.81 -4.70
C ILE E 66 1.46 -12.97 -5.43
N TRP E 67 0.24 -13.31 -5.00
CA TRP E 67 -0.57 -14.31 -5.69
C TRP E 67 -1.57 -13.62 -6.58
N GLU E 68 -1.63 -14.03 -7.84
CA GLU E 68 -2.54 -13.41 -8.80
C GLU E 68 -3.53 -14.41 -9.40
N ALA E 69 -4.75 -13.93 -9.63
CA ALA E 69 -5.83 -14.77 -10.11
C ALA E 69 -5.81 -14.94 -11.63
N GLN E 70 -6.10 -16.16 -12.07
CA GLN E 70 -6.29 -16.45 -13.48
C GLN E 70 -7.55 -17.28 -13.65
N CYS E 71 -8.50 -16.75 -14.40
CA CYS E 71 -9.77 -17.42 -14.61
C CYS E 71 -9.56 -18.77 -15.30
N ARG E 72 -10.27 -19.80 -14.84
CA ARG E 72 -10.12 -21.14 -15.40
C ARG E 72 -10.81 -21.24 -16.75
N HIS E 73 -11.90 -20.50 -16.92
CA HIS E 73 -12.72 -20.61 -18.12
C HIS E 73 -12.93 -19.27 -18.80
N LEU E 74 -13.24 -19.33 -20.10
CA LEU E 74 -13.68 -18.18 -20.85
C LEU E 74 -15.09 -17.79 -20.42
N GLY E 75 -15.99 -18.78 -20.41
CA GLY E 75 -17.36 -18.56 -19.99
C GLY E 75 -17.52 -18.74 -18.49
N CYS E 76 -18.76 -18.89 -18.03
CA CYS E 76 -19.05 -19.16 -16.62
C CYS E 76 -19.71 -20.52 -16.46
N ILE E 77 -19.55 -21.12 -15.28
CA ILE E 77 -20.12 -22.45 -15.01
C ILE E 77 -21.57 -22.37 -14.54
N ASN E 78 -22.47 -23.08 -15.21
CA ASN E 78 -23.89 -23.05 -14.84
C ASN E 78 -24.23 -24.03 -13.72
N ALA E 79 -25.51 -24.17 -13.43
CA ALA E 79 -25.97 -25.04 -12.34
C ALA E 79 -25.71 -26.51 -12.66
N ASP E 80 -25.58 -26.84 -13.94
CA ASP E 80 -25.36 -28.21 -14.36
C ASP E 80 -23.88 -28.57 -14.35
N GLY E 81 -23.04 -27.59 -14.02
CA GLY E 81 -21.60 -27.80 -13.98
C GLY E 81 -20.95 -27.66 -15.34
N ASN E 82 -21.69 -27.12 -16.31
CA ASN E 82 -21.18 -26.93 -17.65
C ASN E 82 -20.87 -25.47 -17.95
N VAL E 83 -19.90 -25.24 -18.83
CA VAL E 83 -19.53 -23.87 -19.18
C VAL E 83 -20.55 -23.25 -20.12
N ASP E 84 -20.98 -22.04 -19.79
CA ASP E 84 -21.91 -21.28 -20.62
C ASP E 84 -21.17 -20.08 -21.20
N TYR E 85 -21.18 -19.96 -22.52
CA TYR E 85 -20.45 -18.90 -23.20
C TYR E 85 -21.30 -17.66 -23.46
N HIS E 86 -22.52 -17.63 -22.90
CA HIS E 86 -23.34 -16.44 -22.99
C HIS E 86 -22.93 -15.41 -21.95
N MET E 87 -21.99 -15.80 -21.09
CA MET E 87 -21.41 -14.90 -20.11
C MET E 87 -19.90 -15.11 -20.04
N ASN E 88 -19.20 -14.21 -19.37
CA ASN E 88 -17.74 -14.24 -19.34
C ASN E 88 -17.17 -14.31 -17.93
N SER E 89 -16.17 -15.16 -17.74
CA SER E 89 -15.33 -15.07 -16.56
C SER E 89 -14.29 -13.98 -16.81
N VAL E 90 -14.28 -12.96 -15.96
CA VAL E 90 -13.30 -11.89 -16.10
C VAL E 90 -12.57 -11.66 -14.79
N PRO E 91 -11.27 -11.36 -14.88
CA PRO E 91 -10.50 -11.06 -13.67
C PRO E 91 -10.77 -9.65 -13.17
N ILE E 92 -10.92 -9.50 -11.86
CA ILE E 92 -11.07 -8.19 -11.26
C ILE E 92 -9.69 -7.60 -10.98
N GLN E 93 -9.38 -6.50 -11.67
CA GLN E 93 -8.07 -5.87 -11.58
C GLN E 93 -8.06 -4.77 -10.52
N GLN E 94 -6.95 -4.66 -9.79
CA GLN E 94 -6.80 -3.56 -8.86
C GLN E 94 -5.37 -3.01 -8.89
N GLU E 95 -5.26 -1.69 -8.86
CA GLU E 95 -3.98 -1.02 -8.79
C GLU E 95 -3.55 -0.93 -7.33
N ILE E 96 -2.38 -1.47 -7.02
CA ILE E 96 -1.90 -1.47 -5.64
C ILE E 96 -0.52 -0.82 -5.51
N LEU E 97 -0.24 -0.32 -4.32
CA LEU E 97 1.08 0.21 -3.99
C LEU E 97 2.06 -0.91 -3.65
N VAL E 98 3.27 -0.80 -4.18
CA VAL E 98 4.37 -1.67 -3.77
C VAL E 98 5.62 -0.83 -3.50
N LEU E 99 6.51 -1.35 -2.66
CA LEU E 99 7.83 -0.78 -2.52
C LEU E 99 8.81 -1.62 -3.32
N ARG E 100 9.84 -0.97 -3.85
CA ARG E 100 10.90 -1.70 -4.54
C ARG E 100 12.26 -1.24 -4.03
N ARG E 101 13.22 -2.15 -4.01
CA ARG E 101 14.57 -1.82 -3.58
CA ARG E 101 14.57 -1.82 -3.58
C ARG E 101 15.34 -1.15 -4.70
N GLU E 102 15.96 -0.01 -4.39
CA GLU E 102 16.78 0.68 -5.38
C GLU E 102 18.09 -0.06 -5.58
N PRO E 103 18.66 0.01 -6.80
CA PRO E 103 20.01 -0.52 -7.03
C PRO E 103 21.03 0.16 -6.11
N PRO E 104 22.12 -0.55 -5.77
CA PRO E 104 23.13 -0.07 -4.81
C PRO E 104 23.74 1.30 -5.13
N HIS E 105 23.99 1.60 -6.40
CA HIS E 105 24.62 2.88 -6.75
C HIS E 105 23.64 4.05 -6.69
N CYS E 106 22.37 3.74 -6.42
CA CYS E 106 21.33 4.77 -6.34
C CYS E 106 21.30 5.40 -4.95
N PRO E 107 20.89 6.70 -4.87
CA PRO E 107 20.87 7.51 -3.65
C PRO E 107 20.26 6.83 -2.42
N ASN E 108 18.98 6.51 -2.46
CA ASN E 108 18.31 5.89 -1.32
C ASN E 108 18.16 4.38 -1.53
N SER E 109 17.38 3.73 -0.67
CA SER E 109 17.27 2.27 -0.70
C SER E 109 15.94 1.78 -1.25
N PHE E 110 14.90 2.60 -1.12
CA PHE E 110 13.56 2.17 -1.49
C PHE E 110 12.86 3.17 -2.40
N ARG E 111 11.94 2.67 -3.22
CA ARG E 111 11.07 3.54 -4.01
C ARG E 111 9.64 3.02 -3.98
N LEU E 112 8.70 3.95 -4.12
CA LEU E 112 7.28 3.63 -4.07
C LEU E 112 6.69 3.73 -5.46
N GLU E 113 5.92 2.71 -5.86
CA GLU E 113 5.23 2.76 -7.13
C GLU E 113 4.00 1.86 -7.13
N LYS E 114 3.35 1.73 -8.28
CA LYS E 114 2.10 1.00 -8.39
C LYS E 114 2.17 -0.10 -9.44
N ILE E 115 1.44 -1.18 -9.20
CA ILE E 115 1.26 -2.24 -10.19
C ILE E 115 -0.20 -2.65 -10.27
N LEU E 116 -0.55 -3.31 -11.37
CA LEU E 116 -1.90 -3.84 -11.56
C LEU E 116 -1.92 -5.34 -11.30
N VAL E 117 -2.76 -5.77 -10.37
CA VAL E 117 -2.86 -7.20 -10.06
C VAL E 117 -4.29 -7.74 -10.24
N SER E 118 -4.40 -9.02 -10.57
CA SER E 118 -5.69 -9.70 -10.61
C SER E 118 -5.99 -10.31 -9.25
N VAL E 119 -7.07 -9.87 -8.62
CA VAL E 119 -7.42 -10.31 -7.28
C VAL E 119 -8.30 -11.55 -7.30
N GLY E 120 -9.23 -11.62 -8.25
CA GLY E 120 -10.13 -12.74 -8.37
C GLY E 120 -10.95 -12.61 -9.64
N CYS E 121 -11.90 -13.51 -9.84
CA CYS E 121 -12.71 -13.47 -11.04
C CYS E 121 -14.20 -13.38 -10.73
N THR E 122 -14.93 -12.72 -11.63
CA THR E 122 -16.37 -12.62 -11.52
C THR E 122 -17.00 -13.00 -12.85
N CYS E 123 -18.31 -13.22 -12.85
CA CYS E 123 -19.04 -13.57 -14.07
C CYS E 123 -19.85 -12.37 -14.56
N VAL E 124 -19.59 -11.93 -15.79
CA VAL E 124 -20.31 -10.77 -16.33
C VAL E 124 -21.10 -11.11 -17.59
N THR E 125 -22.28 -10.51 -17.70
CA THR E 125 -23.13 -10.67 -18.87
C THR E 125 -22.82 -9.55 -19.85
N PRO E 126 -22.86 -9.84 -21.16
CA PRO E 126 -22.48 -8.88 -22.19
C PRO E 126 -23.24 -7.56 -22.08
N ILE E 127 -24.55 -7.62 -21.95
CA ILE E 127 -25.36 -6.41 -21.86
C ILE E 127 -26.46 -6.57 -20.81
N VAL E 128 -26.53 -5.63 -19.88
CA VAL E 128 -27.49 -5.69 -18.78
C VAL E 128 -28.85 -5.13 -19.20
N ARG F 20 13.00 5.91 13.89
CA ARG F 20 12.55 7.08 13.14
C ARG F 20 12.08 6.74 11.72
N THR F 21 12.46 7.56 10.75
CA THR F 21 11.95 7.40 9.39
C THR F 21 13.02 7.00 8.39
N VAL F 22 12.67 7.06 7.10
CA VAL F 22 13.58 6.70 6.03
C VAL F 22 13.16 7.42 4.75
N MET F 23 14.13 7.84 3.94
CA MET F 23 13.83 8.48 2.67
C MET F 23 13.38 7.44 1.64
N VAL F 24 12.15 7.57 1.16
CA VAL F 24 11.65 6.70 0.11
C VAL F 24 11.37 7.52 -1.15
N ASN F 25 11.96 7.12 -2.26
CA ASN F 25 11.78 7.83 -3.51
C ASN F 25 10.39 7.56 -4.08
N LEU F 26 9.77 8.59 -4.64
CA LEU F 26 8.49 8.41 -5.32
C LEU F 26 8.73 8.07 -6.78
N ASN F 27 8.11 7.00 -7.24
CA ASN F 27 8.18 6.58 -8.63
C ASN F 27 6.79 6.20 -9.10
N ILE F 28 5.79 6.94 -8.60
CA ILE F 28 4.41 6.71 -8.96
C ILE F 28 4.21 7.00 -10.44
N HIS F 29 4.69 8.16 -10.86
CA HIS F 29 4.77 8.45 -12.28
C HIS F 29 5.88 7.60 -12.87
N ASN F 30 5.50 6.66 -13.74
CA ASN F 30 6.43 5.63 -14.22
C ASN F 30 6.64 5.63 -15.72
N ARG F 31 7.50 4.73 -16.19
CA ARG F 31 7.77 4.56 -17.61
C ARG F 31 6.53 4.03 -18.33
N SER F 40 -12.24 2.22 -15.14
CA SER F 40 -13.34 2.56 -16.04
C SER F 40 -14.18 1.33 -16.38
N SER F 41 -13.97 0.24 -15.65
CA SER F 41 -14.69 -1.01 -15.87
C SER F 41 -16.15 -0.91 -15.43
N ASP F 42 -17.03 -1.61 -16.14
CA ASP F 42 -18.43 -1.65 -15.76
C ASP F 42 -18.84 -3.04 -15.27
N TYR F 43 -17.84 -3.80 -14.83
CA TYR F 43 -18.06 -5.13 -14.27
C TYR F 43 -19.02 -5.09 -13.08
N TYR F 44 -18.96 -4.02 -12.29
CA TYR F 44 -19.78 -3.91 -11.10
C TYR F 44 -21.28 -3.93 -11.43
N ASN F 45 -21.62 -3.51 -12.65
CA ASN F 45 -23.00 -3.55 -13.13
C ASN F 45 -23.32 -4.83 -13.92
N ARG F 46 -22.37 -5.30 -14.72
CA ARG F 46 -22.65 -6.43 -15.60
C ARG F 46 -22.52 -7.78 -14.90
N SER F 47 -21.92 -7.79 -13.72
CA SER F 47 -21.71 -9.04 -12.99
C SER F 47 -23.01 -9.70 -12.54
N THR F 48 -23.03 -11.03 -12.52
CA THR F 48 -24.15 -11.78 -11.97
C THR F 48 -24.16 -11.66 -10.45
N SER F 49 -23.06 -11.16 -9.91
CA SER F 49 -22.97 -10.78 -8.51
C SER F 49 -22.61 -9.30 -8.43
N PRO F 50 -23.53 -8.43 -8.86
CA PRO F 50 -23.21 -7.01 -8.99
C PRO F 50 -22.93 -6.36 -7.64
N TRP F 51 -22.20 -5.26 -7.66
CA TRP F 51 -21.87 -4.57 -6.41
C TRP F 51 -21.92 -3.06 -6.56
N ASN F 52 -22.12 -2.37 -5.45
CA ASN F 52 -22.02 -0.93 -5.41
C ASN F 52 -20.61 -0.53 -5.02
N LEU F 53 -20.25 0.71 -5.34
CA LEU F 53 -18.94 1.24 -4.98
C LEU F 53 -19.10 2.40 -4.00
N HIS F 54 -18.69 2.19 -2.76
CA HIS F 54 -18.79 3.22 -1.73
C HIS F 54 -17.49 4.03 -1.62
N ARG F 55 -17.60 5.32 -1.91
CA ARG F 55 -16.43 6.20 -1.88
C ARG F 55 -15.94 6.43 -0.45
N ASN F 56 -14.69 6.06 -0.20
CA ASN F 56 -14.04 6.28 1.10
C ASN F 56 -12.93 7.30 0.94
N GLU F 57 -13.15 8.48 1.51
CA GLU F 57 -12.18 9.58 1.43
C GLU F 57 -11.44 9.76 2.76
N ASP F 58 -10.11 9.86 2.68
CA ASP F 58 -9.29 10.09 3.87
C ASP F 58 -8.08 10.95 3.50
N PRO F 59 -8.05 12.19 4.00
CA PRO F 59 -6.96 13.13 3.69
C PRO F 59 -5.61 12.68 4.24
N GLU F 60 -5.63 11.84 5.28
CA GLU F 60 -4.42 11.34 5.91
C GLU F 60 -3.94 10.02 5.31
N ARG F 61 -4.60 9.56 4.26
CA ARG F 61 -4.28 8.26 3.66
C ARG F 61 -3.89 8.39 2.19
N TYR F 62 -2.96 7.56 1.74
CA TYR F 62 -2.68 7.44 0.31
C TYR F 62 -2.80 5.99 -0.12
N PRO F 63 -3.72 5.68 -1.05
CA PRO F 63 -4.63 6.58 -1.78
C PRO F 63 -5.64 7.30 -0.89
N SER F 64 -5.92 8.55 -1.23
CA SER F 64 -6.84 9.39 -0.46
C SER F 64 -8.28 8.94 -0.64
N VAL F 65 -8.57 8.35 -1.78
CA VAL F 65 -9.91 7.82 -2.01
C VAL F 65 -9.84 6.35 -2.40
N ILE F 66 -10.65 5.54 -1.73
CA ILE F 66 -10.79 4.13 -2.05
C ILE F 66 -12.26 3.83 -2.24
N TRP F 67 -12.59 3.04 -3.27
CA TRP F 67 -13.95 2.61 -3.51
C TRP F 67 -14.15 1.20 -2.99
N GLU F 68 -14.90 1.07 -1.91
CA GLU F 68 -15.13 -0.22 -1.29
C GLU F 68 -16.33 -0.91 -1.94
N ALA F 69 -16.12 -2.14 -2.38
CA ALA F 69 -17.18 -2.90 -3.03
C ALA F 69 -18.19 -3.41 -2.02
N GLN F 70 -19.47 -3.26 -2.36
CA GLN F 70 -20.55 -3.76 -1.53
C GLN F 70 -21.51 -4.58 -2.39
N CYS F 71 -21.59 -5.88 -2.14
CA CYS F 71 -22.48 -6.74 -2.91
C CYS F 71 -23.93 -6.28 -2.80
N ARG F 72 -24.61 -6.15 -3.94
CA ARG F 72 -25.98 -5.66 -3.95
C ARG F 72 -26.98 -6.69 -3.45
N HIS F 73 -26.71 -7.96 -3.71
CA HIS F 73 -27.66 -9.01 -3.38
C HIS F 73 -27.06 -10.10 -2.50
N LEU F 74 -27.93 -10.82 -1.81
CA LEU F 74 -27.52 -12.03 -1.09
C LEU F 74 -27.34 -13.16 -2.09
N GLY F 75 -28.25 -13.22 -3.06
CA GLY F 75 -28.17 -14.22 -4.11
C GLY F 75 -27.40 -13.71 -5.31
N CYS F 76 -27.55 -14.40 -6.43
CA CYS F 76 -26.93 -13.98 -7.69
C CYS F 76 -28.01 -13.74 -8.74
N ILE F 77 -27.63 -13.08 -9.83
CA ILE F 77 -28.53 -12.88 -10.96
C ILE F 77 -28.40 -14.05 -11.95
N ASN F 78 -29.49 -14.73 -12.25
CA ASN F 78 -29.42 -15.85 -13.18
C ASN F 78 -29.47 -15.40 -14.64
N ALA F 79 -29.46 -16.36 -15.55
CA ALA F 79 -29.43 -16.09 -16.99
C ALA F 79 -30.65 -15.30 -17.45
N ASP F 80 -31.75 -15.42 -16.72
CA ASP F 80 -32.99 -14.73 -17.07
C ASP F 80 -33.03 -13.31 -16.50
N GLY F 81 -32.05 -12.97 -15.67
CA GLY F 81 -31.96 -11.64 -15.12
C GLY F 81 -32.67 -11.47 -13.78
N ASN F 82 -32.97 -12.58 -13.12
CA ASN F 82 -33.65 -12.53 -11.83
C ASN F 82 -32.79 -13.03 -10.68
N VAL F 83 -33.09 -12.57 -9.48
CA VAL F 83 -32.37 -12.98 -8.28
C VAL F 83 -32.57 -14.46 -7.99
N ASP F 84 -31.47 -15.19 -7.82
CA ASP F 84 -31.51 -16.62 -7.58
C ASP F 84 -30.78 -16.92 -6.28
N TYR F 85 -31.48 -17.52 -5.32
CA TYR F 85 -30.90 -17.73 -3.99
C TYR F 85 -30.20 -19.07 -3.85
N HIS F 86 -30.10 -19.81 -4.94
CA HIS F 86 -29.37 -21.08 -4.92
C HIS F 86 -27.88 -20.84 -5.00
N MET F 87 -27.50 -19.58 -5.24
CA MET F 87 -26.11 -19.16 -5.23
CA MET F 87 -26.11 -19.17 -5.20
C MET F 87 -25.98 -17.87 -4.44
N ASN F 88 -24.76 -17.51 -4.07
CA ASN F 88 -24.54 -16.30 -3.27
C ASN F 88 -23.50 -15.34 -3.83
N SER F 89 -23.79 -14.05 -3.72
CA SER F 89 -22.80 -13.01 -4.00
C SER F 89 -21.89 -12.83 -2.79
N VAL F 90 -20.59 -12.99 -2.98
CA VAL F 90 -19.63 -12.79 -1.90
C VAL F 90 -18.53 -11.85 -2.34
N PRO F 91 -17.98 -11.06 -1.40
CA PRO F 91 -16.93 -10.10 -1.73
C PRO F 91 -15.57 -10.76 -1.99
N ILE F 92 -14.84 -10.23 -2.96
CA ILE F 92 -13.46 -10.62 -3.18
C ILE F 92 -12.57 -9.59 -2.50
N GLN F 93 -11.80 -10.01 -1.50
CA GLN F 93 -11.03 -9.09 -0.69
C GLN F 93 -9.53 -9.34 -0.79
N GLN F 94 -8.74 -8.30 -0.52
CA GLN F 94 -7.31 -8.46 -0.44
C GLN F 94 -6.68 -7.42 0.48
N GLU F 95 -5.48 -7.73 0.95
CA GLU F 95 -4.71 -6.82 1.80
C GLU F 95 -3.85 -5.92 0.92
N ILE F 96 -3.92 -4.62 1.16
CA ILE F 96 -3.14 -3.68 0.36
C ILE F 96 -2.24 -2.80 1.21
N LEU F 97 -1.15 -2.34 0.60
CA LEU F 97 -0.23 -1.41 1.24
C LEU F 97 -0.75 0.02 1.09
N VAL F 98 -0.68 0.77 2.18
CA VAL F 98 -1.22 2.11 2.22
C VAL F 98 -0.30 3.05 3.02
N LEU F 99 -0.22 4.30 2.59
CA LEU F 99 0.51 5.32 3.34
C LEU F 99 -0.44 6.12 4.23
N ARG F 100 -0.06 6.31 5.48
CA ARG F 100 -0.85 7.13 6.39
C ARG F 100 -0.02 8.26 7.00
N ARG F 101 -0.57 9.47 6.98
CA ARG F 101 0.11 10.64 7.51
C ARG F 101 0.25 10.55 9.03
N GLU F 102 1.49 10.62 9.51
CA GLU F 102 1.79 10.52 10.93
C GLU F 102 1.29 11.75 11.70
N PRO F 103 1.21 11.66 13.04
CA PRO F 103 0.80 12.78 13.90
C PRO F 103 1.42 14.13 13.53
N PRO F 104 0.69 15.23 13.77
CA PRO F 104 1.04 16.60 13.42
C PRO F 104 2.51 16.96 13.68
N CYS F 106 6.17 15.30 15.03
CA CYS F 106 6.76 15.78 13.79
C CYS F 106 5.87 15.48 12.59
N PRO F 107 5.66 16.49 11.73
CA PRO F 107 4.85 16.34 10.52
C PRO F 107 5.69 15.99 9.29
N ASN F 108 5.08 16.07 8.11
CA ASN F 108 5.73 15.72 6.84
C ASN F 108 6.33 14.32 6.85
N SER F 109 5.72 13.42 7.62
CA SER F 109 6.16 12.04 7.68
C SER F 109 4.98 11.09 7.53
N PHE F 110 5.26 9.90 7.06
CA PHE F 110 4.22 8.91 6.82
C PHE F 110 4.58 7.58 7.43
N ARG F 111 3.60 6.69 7.52
CA ARG F 111 3.83 5.36 8.04
C ARG F 111 3.19 4.33 7.13
N LEU F 112 3.90 3.22 6.89
CA LEU F 112 3.36 2.12 6.12
C LEU F 112 2.24 1.43 6.90
N GLU F 113 1.19 1.06 6.18
CA GLU F 113 0.01 0.48 6.82
C GLU F 113 -0.66 -0.52 5.89
N LYS F 114 -1.13 -1.63 6.44
CA LYS F 114 -1.87 -2.62 5.66
C LYS F 114 -3.34 -2.58 6.04
N ILE F 115 -4.22 -2.55 5.04
CA ILE F 115 -5.65 -2.62 5.28
C ILE F 115 -6.30 -3.67 4.38
N LEU F 116 -7.48 -4.13 4.78
CA LEU F 116 -8.27 -5.05 3.97
C LEU F 116 -9.31 -4.28 3.14
N VAL F 117 -9.37 -4.55 1.85
CA VAL F 117 -10.38 -3.90 1.00
C VAL F 117 -11.15 -4.90 0.14
N SER F 118 -12.41 -4.57 -0.14
CA SER F 118 -13.21 -5.34 -1.08
C SER F 118 -13.14 -4.71 -2.45
N VAL F 119 -12.71 -5.47 -3.45
CA VAL F 119 -12.51 -4.93 -4.79
C VAL F 119 -13.66 -5.28 -5.72
N GLY F 120 -14.48 -6.25 -5.32
CA GLY F 120 -15.61 -6.68 -6.11
C GLY F 120 -16.31 -7.86 -5.50
N CYS F 121 -17.22 -8.47 -6.25
CA CYS F 121 -17.94 -9.64 -5.78
C CYS F 121 -17.95 -10.74 -6.81
N THR F 122 -18.13 -11.98 -6.35
CA THR F 122 -18.22 -13.13 -7.23
C THR F 122 -19.41 -13.97 -6.81
N CYS F 123 -19.85 -14.87 -7.68
CA CYS F 123 -21.00 -15.72 -7.37
C CYS F 123 -20.54 -17.14 -7.08
N VAL F 124 -20.80 -17.61 -5.87
CA VAL F 124 -20.37 -18.95 -5.47
C VAL F 124 -21.54 -19.88 -5.15
N THR F 125 -21.29 -21.17 -5.23
CA THR F 125 -22.26 -22.18 -4.83
C THR F 125 -22.07 -22.56 -3.36
N PRO F 126 -23.17 -22.80 -2.64
CA PRO F 126 -23.13 -23.10 -1.20
C PRO F 126 -22.29 -24.34 -0.88
N ILE F 127 -21.69 -24.35 0.30
CA ILE F 127 -20.89 -25.50 0.73
C ILE F 127 -21.81 -26.67 1.09
N VAL F 128 -22.05 -27.53 0.11
CA VAL F 128 -22.93 -28.68 0.29
C VAL F 128 -22.55 -29.81 -0.64
C1 GOL G . 8.82 -34.63 3.60
O1 GOL G . 9.89 -35.53 3.37
C2 GOL G . 8.10 -34.98 4.88
O2 GOL G . 8.67 -36.13 5.47
C3 GOL G . 6.62 -35.24 4.60
O3 GOL G . 6.00 -35.72 5.77
C1 GOL H . -7.41 -29.84 19.49
O1 GOL H . -7.13 -30.46 18.25
C2 GOL H . -6.66 -30.58 20.59
O2 GOL H . -5.66 -31.38 19.98
C3 GOL H . -6.00 -29.57 21.53
O3 GOL H . -5.16 -30.26 22.43
CL CL I . 42.20 -65.33 36.75
S SO4 J . 10.94 -24.21 -14.60
O1 SO4 J . 11.13 -25.19 -15.67
O2 SO4 J . 10.62 -22.90 -15.18
O3 SO4 J . 9.85 -24.64 -13.74
O4 SO4 J . 12.16 -24.10 -13.81
C1 GOL K . 6.98 -22.93 -3.15
O1 GOL K . 8.22 -22.28 -3.03
C2 GOL K . 7.15 -24.21 -3.96
O2 GOL K . 6.81 -23.96 -5.31
C3 GOL K . 6.24 -25.29 -3.39
O3 GOL K . 6.24 -26.41 -4.24
C1 GOL L . -11.03 14.22 -5.01
O1 GOL L . -11.62 13.89 -6.26
C2 GOL L . -10.18 13.05 -4.54
O2 GOL L . -9.01 13.57 -3.93
C3 GOL L . -10.95 12.24 -3.52
O3 GOL L . -11.58 13.12 -2.61
C1 GOL M . -25.47 24.46 -15.78
O1 GOL M . -26.32 25.33 -16.49
C2 GOL M . -26.27 23.48 -14.93
O2 GOL M . -26.06 22.18 -15.44
C3 GOL M . -25.81 23.51 -13.48
O3 GOL M . -26.09 24.78 -12.92
S SO4 N . -24.89 11.76 6.00
O1 SO4 N . -25.04 12.19 4.62
O2 SO4 N . -23.95 12.65 6.68
O3 SO4 N . -26.19 11.83 6.67
O4 SO4 N . -24.39 10.39 6.05
S SO4 O . -13.71 -22.67 -21.45
O1 SO4 O . -13.88 -23.20 -22.81
O2 SO4 O . -14.70 -21.63 -21.22
O3 SO4 O . -13.88 -23.74 -20.48
O4 SO4 O . -12.37 -22.10 -21.32
S SO4 P . -3.20 -13.88 0.16
O1 SO4 P . -2.54 -14.13 -1.12
O2 SO4 P . -4.08 -12.73 0.04
O3 SO4 P . -3.98 -15.06 0.53
O4 SO4 P . -2.19 -13.62 1.18
S SO4 Q . -31.36 -10.00 -2.36
O1 SO4 Q . -31.79 -9.12 -3.43
O2 SO4 Q . -30.58 -9.27 -1.37
O3 SO4 Q . -32.53 -10.59 -1.71
O4 SO4 Q . -30.54 -11.09 -2.92
#